data_7LVZ
#
_entry.id   7LVZ
#
_cell.length_a   54.296
_cell.length_b   139.525
_cell.length_c   142.007
_cell.angle_alpha   90.000
_cell.angle_beta   90.000
_cell.angle_gamma   90.000
#
_symmetry.space_group_name_H-M   'P 21 21 21'
#
loop_
_entity.id
_entity.type
_entity.pdbx_description
1 polymer '2-aminoethanethiol dioxygenase'
2 non-polymer 'FE (II) ION'
3 non-polymer 'CHLORIDE ION'
4 non-polymer 'MAGNESIUM ION'
5 water water
#
_entity_poly.entity_id   1
_entity_poly.type   'polypeptide(L)'
_entity_poly.pdbx_seq_one_letter_code
;MPRDNMASLIQRIARQACLTFRGSSTGSEGPAPGFPENLSLLKSLLTQVRAEDLNIAPRKALPQPLPRNLPPVTYMHIYE
TEGFSLGVFLLKSGTCIPLHDHPGMHGMLKVLYGTVRISCMDKLDTGAGHRRPPPEQQFEPPLQPLEREAVRPGVLRSRA
EYTEASGPCVLTPHRDNLHQIDAVDGPAAFLDILAPPYDPEDGRDCHYYRVVEPIRPKEASGSACDLPREVWLLETPQAD
DFWCEGEPYPGPKVLP
;
_entity_poly.pdbx_strand_id   A,B,C,D
#
loop_
_chem_comp.id
_chem_comp.type
_chem_comp.name
_chem_comp.formula
CL non-polymer 'CHLORIDE ION' 'Cl -1'
FE2 non-polymer 'FE (II) ION' 'Fe 2'
MG non-polymer 'MAGNESIUM ION' 'Mg 2'
#
# COMPACT_ATOMS: atom_id res chain seq x y z
N ALA A 7 15.32 20.36 37.87
CA ALA A 7 15.61 20.82 36.51
C ALA A 7 14.37 20.82 35.62
N SER A 8 14.32 21.76 34.68
CA SER A 8 13.19 21.84 33.77
C SER A 8 13.11 20.59 32.91
N LEU A 9 11.91 20.35 32.38
CA LEU A 9 11.69 19.23 31.46
C LEU A 9 12.56 19.35 30.20
N ILE A 10 12.66 20.55 29.63
CA ILE A 10 13.44 20.69 28.41
C ILE A 10 14.91 20.41 28.70
N GLN A 11 15.40 20.78 29.89
CA GLN A 11 16.78 20.48 30.26
C GLN A 11 17.00 18.98 30.44
N ARG A 12 16.03 18.28 31.03
CA ARG A 12 16.14 16.84 31.17
C ARG A 12 16.00 16.11 29.84
N ILE A 13 15.22 16.67 28.91
CA ILE A 13 15.22 16.11 27.55
C ILE A 13 16.59 16.24 26.92
N ALA A 14 17.25 17.40 27.08
CA ALA A 14 18.55 17.59 26.47
C ALA A 14 19.58 16.64 27.08
N ARG A 15 19.53 16.43 28.40
CA ARG A 15 20.48 15.54 29.05
C ARG A 15 20.28 14.10 28.59
N GLN A 16 19.02 13.63 28.57
CA GLN A 16 18.74 12.28 28.10
C GLN A 16 19.11 12.10 26.62
N ALA A 17 18.86 13.13 25.81
CA ALA A 17 19.25 13.04 24.40
C ALA A 17 20.75 12.91 24.26
N CYS A 18 21.49 13.74 25.00
CA CYS A 18 22.94 13.67 24.97
C CYS A 18 23.42 12.27 25.33
N LEU A 19 22.86 11.69 26.40
CA LEU A 19 23.19 10.32 26.78
C LEU A 19 22.73 9.31 25.73
N THR A 20 21.59 9.55 25.08
CA THR A 20 21.08 8.60 24.11
C THR A 20 21.89 8.61 22.82
N PHE A 21 22.30 9.79 22.36
CA PHE A 21 22.99 9.97 21.08
C PHE A 21 24.41 10.48 21.32
N ARG A 22 25.39 9.70 20.87
CA ARG A 22 26.79 10.00 21.12
C ARG A 22 27.59 9.95 19.83
N PRO A 31 24.72 0.00 16.54
CA PRO A 31 23.81 0.37 17.64
C PRO A 31 24.38 -0.01 19.01
N ALA A 32 24.74 0.99 19.81
CA ALA A 32 25.43 0.75 21.08
C ALA A 32 24.52 -0.02 22.04
N PRO A 33 25.12 -0.70 23.03
CA PRO A 33 24.32 -1.32 24.08
C PRO A 33 23.56 -0.27 24.87
N GLY A 34 22.33 -0.61 25.28
CA GLY A 34 21.52 0.33 26.03
C GLY A 34 20.87 1.42 25.20
N PHE A 35 21.14 1.48 23.90
CA PHE A 35 20.50 2.49 23.06
C PHE A 35 18.98 2.35 23.06
N PRO A 36 18.41 1.15 22.87
CA PRO A 36 16.93 1.05 22.82
C PRO A 36 16.26 1.51 24.11
N GLU A 37 16.84 1.19 25.26
CA GLU A 37 16.25 1.66 26.51
C GLU A 37 16.36 3.17 26.65
N ASN A 38 17.52 3.74 26.26
CA ASN A 38 17.67 5.19 26.34
C ASN A 38 16.71 5.89 25.38
N LEU A 39 16.55 5.35 24.18
CA LEU A 39 15.59 5.95 23.25
C LEU A 39 14.19 5.92 23.84
N SER A 40 13.84 4.83 24.52
CA SER A 40 12.54 4.74 25.17
C SER A 40 12.38 5.80 26.25
N LEU A 41 13.40 5.98 27.10
CA LEU A 41 13.29 7.02 28.14
C LEU A 41 13.15 8.41 27.53
N LEU A 42 13.89 8.71 26.47
CA LEU A 42 13.77 10.00 25.79
C LEU A 42 12.36 10.21 25.22
N LYS A 43 11.82 9.17 24.59
CA LYS A 43 10.47 9.26 24.06
C LYS A 43 9.46 9.54 25.18
N SER A 44 9.64 8.89 26.34
CA SER A 44 8.74 9.13 27.48
C SER A 44 8.81 10.58 27.94
N LEU A 45 10.01 11.17 27.93
CA LEU A 45 10.15 12.56 28.33
C LEU A 45 9.49 13.48 27.32
N LEU A 46 9.69 13.23 26.04
CA LEU A 46 9.06 14.03 24.99
C LEU A 46 7.54 13.92 25.02
N THR A 47 7.01 12.75 25.37
CA THR A 47 5.57 12.59 25.48
C THR A 47 4.98 13.59 26.45
N GLN A 48 5.74 13.97 27.48
CA GLN A 48 5.26 14.86 28.51
C GLN A 48 5.30 16.33 28.12
N VAL A 49 5.95 16.71 27.02
CA VAL A 49 6.23 18.12 26.80
C VAL A 49 4.97 18.86 26.38
N ARG A 50 4.77 20.05 26.92
CA ARG A 50 3.63 20.89 26.58
C ARG A 50 4.15 22.24 26.16
N ALA A 51 3.31 23.01 25.48
CA ALA A 51 3.74 24.31 25.00
C ALA A 51 4.24 25.17 26.15
N GLU A 52 3.55 25.11 27.29
CA GLU A 52 3.88 26.02 28.38
C GLU A 52 5.24 25.68 29.00
N ASP A 53 5.66 24.44 28.85
CA ASP A 53 6.98 24.05 29.35
C ASP A 53 8.08 24.81 28.63
N LEU A 54 7.80 25.32 27.44
CA LEU A 54 8.75 26.06 26.62
C LEU A 54 8.42 27.54 26.59
N ASN A 55 7.42 27.98 27.35
CA ASN A 55 7.02 29.38 27.46
C ASN A 55 6.43 29.87 26.16
N ILE A 56 5.87 28.94 25.39
CA ILE A 56 5.22 29.25 24.12
C ILE A 56 3.71 29.25 24.36
N ALA A 57 3.04 30.31 23.93
CA ALA A 57 1.57 30.26 23.92
C ALA A 57 1.08 29.72 22.58
N PRO A 58 0.00 28.92 22.53
CA PRO A 58 -0.52 28.49 21.23
C PRO A 58 -0.87 29.70 20.36
N ARG A 59 -0.68 29.55 19.05
CA ARG A 59 -0.89 30.64 18.11
C ARG A 59 -2.05 30.30 17.20
N LYS A 60 -2.85 31.30 16.91
CA LYS A 60 -3.96 31.20 15.97
C LYS A 60 -3.62 31.98 14.71
N ALA A 61 -4.44 31.76 13.68
CA ALA A 61 -4.12 32.33 12.38
C ALA A 61 -3.97 33.84 12.46
N LEU A 62 -2.99 34.37 11.72
CA LEU A 62 -2.85 35.81 11.58
C LEU A 62 -3.89 36.37 10.61
N PRO A 63 -4.33 37.64 10.79
CA PRO A 63 -5.10 38.32 9.72
C PRO A 63 -4.40 38.16 8.39
N GLN A 64 -5.02 37.48 7.41
CA GLN A 64 -4.24 36.97 6.28
C GLN A 64 -3.91 38.01 5.20
N PRO A 65 -4.21 39.30 5.40
CA PRO A 65 -3.43 40.33 4.68
C PRO A 65 -1.98 40.31 5.15
N LEU A 66 -1.24 39.24 4.82
CA LEU A 66 0.10 38.97 5.33
C LEU A 66 1.16 39.30 4.29
N PRO A 67 2.32 39.80 4.72
CA PRO A 67 3.37 40.14 3.76
C PRO A 67 3.86 38.89 3.02
N ARG A 68 4.31 39.09 1.78
CA ARG A 68 4.91 38.01 1.01
C ARG A 68 6.35 37.73 1.43
N ASN A 69 6.95 38.61 2.23
CA ASN A 69 8.26 38.36 2.84
C ASN A 69 8.15 37.64 4.18
N LEU A 70 6.95 37.51 4.72
CA LEU A 70 6.76 36.78 5.96
C LEU A 70 7.12 35.31 5.78
N PRO A 71 7.99 34.74 6.61
CA PRO A 71 8.29 33.31 6.49
C PRO A 71 7.05 32.48 6.77
N PRO A 72 6.80 31.43 5.97
CA PRO A 72 5.71 30.50 6.33
C PRO A 72 5.99 29.67 7.58
N VAL A 73 7.26 29.44 7.90
CA VAL A 73 7.67 28.60 9.01
C VAL A 73 8.82 29.30 9.70
N THR A 74 8.90 29.14 11.02
CA THR A 74 9.95 29.73 11.82
C THR A 74 10.53 28.65 12.73
N TYR A 75 11.72 28.92 13.25
CA TYR A 75 12.44 27.94 14.05
C TYR A 75 13.00 28.58 15.31
N MET A 76 12.75 27.95 16.44
CA MET A 76 13.36 28.37 17.70
C MET A 76 14.46 27.38 18.07
N HIS A 77 15.70 27.88 18.19
CA HIS A 77 16.82 27.01 18.57
C HIS A 77 16.89 26.83 20.08
N ILE A 78 17.08 25.62 20.54
CA ILE A 78 17.20 25.36 21.96
C ILE A 78 18.60 24.88 22.32
N TYR A 79 19.11 23.89 21.61
CA TYR A 79 20.39 23.29 21.98
C TYR A 79 20.86 22.41 20.84
N GLU A 80 22.16 22.43 20.57
CA GLU A 80 22.72 21.59 19.53
C GLU A 80 24.15 21.19 19.93
N THR A 81 24.48 19.93 19.72
CA THR A 81 25.80 19.39 19.98
C THR A 81 26.23 18.65 18.73
N GLU A 82 27.38 17.99 18.80
CA GLU A 82 27.77 17.11 17.70
C GLU A 82 26.87 15.89 17.62
N GLY A 83 26.15 15.58 18.70
CA GLY A 83 25.33 14.38 18.74
C GLY A 83 23.88 14.59 18.34
N PHE A 84 23.33 15.76 18.61
CA PHE A 84 21.91 15.99 18.37
C PHE A 84 21.58 17.49 18.32
N SER A 85 20.42 17.77 17.73
N SER A 85 20.42 17.77 17.73
CA SER A 85 19.87 19.12 17.68
CA SER A 85 19.88 19.12 17.68
C SER A 85 18.48 19.12 18.29
C SER A 85 18.48 19.12 18.29
N LEU A 86 18.14 20.19 19.00
CA LEU A 86 16.86 20.30 19.68
C LEU A 86 16.29 21.69 19.43
N GLY A 87 15.08 21.74 18.89
CA GLY A 87 14.47 23.02 18.57
C GLY A 87 13.00 22.88 18.23
N VAL A 88 12.38 24.02 17.94
CA VAL A 88 10.94 24.08 17.75
C VAL A 88 10.65 24.70 16.40
N PHE A 89 9.77 24.08 15.64
CA PHE A 89 9.35 24.58 14.34
C PHE A 89 7.92 25.06 14.49
N LEU A 90 7.62 26.25 13.98
CA LEU A 90 6.32 26.86 14.16
C LEU A 90 5.77 27.15 12.76
N LEU A 91 4.68 26.49 12.41
CA LEU A 91 4.11 26.58 11.08
C LEU A 91 2.91 27.52 11.11
N LYS A 92 2.90 28.49 10.22
CA LYS A 92 1.73 29.33 10.07
C LYS A 92 0.61 28.56 9.35
N SER A 93 -0.58 29.17 9.34
CA SER A 93 -1.74 28.52 8.76
C SER A 93 -1.52 28.23 7.28
N GLY A 94 -1.93 27.04 6.86
CA GLY A 94 -1.86 26.70 5.45
C GLY A 94 -0.49 26.37 4.93
N THR A 95 0.52 26.26 5.80
CA THR A 95 1.89 26.01 5.40
C THR A 95 2.26 24.54 5.61
N CYS A 96 3.46 24.19 5.16
CA CYS A 96 3.99 22.84 5.36
C CYS A 96 5.49 22.92 5.33
N ILE A 97 6.15 21.96 5.95
CA ILE A 97 7.56 21.67 5.73
C ILE A 97 7.59 20.58 4.65
N PRO A 98 7.99 20.87 3.44
CA PRO A 98 7.80 19.88 2.36
C PRO A 98 8.65 18.62 2.54
N LEU A 99 8.21 17.56 1.89
CA LEU A 99 8.90 16.27 1.91
C LEU A 99 10.42 16.41 1.87
N HIS A 100 11.07 15.81 2.87
CA HIS A 100 12.52 15.81 2.96
C HIS A 100 13.01 14.61 3.77
N ASP A 101 14.32 14.39 3.70
CA ASP A 101 14.94 13.20 4.29
C ASP A 101 15.76 13.57 5.54
N HIS A 102 16.28 12.54 6.19
CA HIS A 102 17.09 12.71 7.40
C HIS A 102 18.19 11.66 7.34
N PRO A 103 19.17 11.83 6.41
CA PRO A 103 20.07 10.71 6.03
C PRO A 103 20.89 10.25 7.22
N GLY A 104 20.79 8.96 7.53
CA GLY A 104 21.52 8.37 8.64
C GLY A 104 21.14 8.93 9.99
N MET A 105 19.94 9.46 10.13
CA MET A 105 19.56 10.13 11.35
C MET A 105 18.35 9.48 11.98
N HIS A 106 18.30 9.55 13.30
CA HIS A 106 17.08 9.33 14.07
C HIS A 106 16.37 10.66 14.24
N GLY A 107 15.04 10.59 14.35
CA GLY A 107 14.19 11.77 14.48
C GLY A 107 13.06 11.51 15.46
N MET A 108 12.68 12.56 16.17
CA MET A 108 11.60 12.44 17.13
C MET A 108 10.99 13.81 17.41
N LEU A 109 9.67 13.92 17.22
CA LEU A 109 9.00 15.21 17.34
C LEU A 109 7.68 15.11 18.09
N LYS A 110 7.31 16.21 18.75
CA LYS A 110 6.12 16.23 19.58
C LYS A 110 5.35 17.49 19.28
N VAL A 111 4.07 17.34 18.95
CA VAL A 111 3.24 18.50 18.64
C VAL A 111 2.96 19.30 19.91
N LEU A 112 3.09 20.62 19.82
CA LEU A 112 2.85 21.48 20.97
C LEU A 112 1.49 22.15 20.94
N TYR A 113 0.97 22.44 19.75
CA TYR A 113 -0.37 22.97 19.56
C TYR A 113 -0.73 22.80 18.09
N GLY A 114 -2.02 22.85 17.81
CA GLY A 114 -2.51 22.72 16.48
C GLY A 114 -2.44 21.27 16.04
N THR A 115 -2.68 21.09 14.74
CA THR A 115 -2.67 19.76 14.14
C THR A 115 -1.74 19.76 12.94
N VAL A 116 -0.92 18.70 12.81
CA VAL A 116 -0.11 18.50 11.61
C VAL A 116 -0.44 17.15 10.98
N ARG A 117 -0.40 17.10 9.63
CA ARG A 117 -0.46 15.84 8.90
C ARG A 117 0.97 15.44 8.52
N ILE A 118 1.39 14.26 8.95
CA ILE A 118 2.73 13.78 8.67
C ILE A 118 2.63 12.61 7.69
N SER A 119 3.21 12.78 6.51
CA SER A 119 3.29 11.72 5.52
C SER A 119 4.69 11.13 5.56
N CYS A 120 4.79 9.81 5.65
CA CYS A 120 6.05 9.13 5.87
C CYS A 120 6.35 8.27 4.66
N MET A 121 7.58 8.38 4.15
CA MET A 121 8.01 7.66 2.97
C MET A 121 9.44 7.15 3.18
N ASP A 122 9.87 6.26 2.30
CA ASP A 122 11.25 5.80 2.28
C ASP A 122 11.69 5.72 0.83
N LYS A 123 12.94 6.11 0.58
CA LYS A 123 13.58 5.83 -0.70
C LYS A 123 14.02 4.38 -0.74
N LEU A 124 13.73 3.69 -1.84
CA LEU A 124 14.34 2.39 -2.02
C LEU A 124 15.83 2.55 -2.33
N ASP A 125 16.63 1.59 -1.87
CA ASP A 125 18.05 1.60 -2.21
C ASP A 125 18.22 1.31 -3.69
N THR A 126 18.85 2.25 -4.42
CA THR A 126 19.06 2.12 -5.86
C THR A 126 20.54 2.17 -6.25
N GLY A 127 21.44 1.95 -5.28
CA GLY A 127 22.85 2.01 -5.59
C GLY A 127 23.30 1.04 -6.65
N ALA A 128 22.56 -0.04 -6.85
CA ALA A 128 22.95 -1.02 -7.84
C ALA A 128 22.55 -0.59 -9.24
N GLY A 129 21.68 0.41 -9.38
CA GLY A 129 21.44 1.06 -10.65
C GLY A 129 20.19 0.55 -11.35
N HIS A 130 19.83 1.26 -12.42
CA HIS A 130 18.85 0.79 -13.41
C HIS A 130 17.41 0.91 -12.89
N ARG A 131 17.13 1.86 -12.02
CA ARG A 131 15.82 1.93 -11.41
C ARG A 131 15.03 3.16 -11.88
N ARG A 132 15.34 3.71 -13.04
CA ARG A 132 14.50 4.76 -13.59
C ARG A 132 13.12 4.22 -13.97
N PRO A 133 12.13 5.08 -14.10
CA PRO A 133 10.81 4.62 -14.57
C PRO A 133 10.90 4.00 -15.96
N PRO A 134 9.94 3.18 -16.33
CA PRO A 134 9.87 2.71 -17.73
C PRO A 134 9.89 3.89 -18.67
N PRO A 135 10.78 3.89 -19.68
CA PRO A 135 10.84 5.05 -20.59
C PRO A 135 9.50 5.38 -21.21
N GLU A 136 8.65 4.37 -21.45
CA GLU A 136 7.35 4.61 -22.06
C GLU A 136 6.32 5.17 -21.08
N GLN A 137 6.60 5.17 -19.79
CA GLN A 137 5.66 5.70 -18.82
C GLN A 137 5.70 7.22 -18.82
N GLN A 138 4.53 7.84 -18.83
CA GLN A 138 4.38 9.28 -18.87
C GLN A 138 3.88 9.77 -17.52
N PHE A 139 4.11 11.06 -17.26
CA PHE A 139 3.86 11.65 -15.95
C PHE A 139 3.08 12.95 -16.04
N GLU A 140 2.29 13.23 -14.98
CA GLU A 140 1.67 14.54 -14.81
C GLU A 140 2.74 15.60 -14.71
N PRO A 141 2.43 16.84 -15.07
CA PRO A 141 3.39 17.67 -15.79
C PRO A 141 4.56 16.84 -16.31
N PRO A 142 4.54 16.47 -17.60
CA PRO A 142 5.60 15.60 -18.13
C PRO A 142 6.99 15.91 -17.60
N LEU A 143 7.83 14.88 -17.52
CA LEU A 143 9.15 15.05 -16.94
C LEU A 143 10.11 15.64 -17.96
N GLN A 144 10.89 16.64 -17.53
CA GLN A 144 12.04 17.08 -18.30
C GLN A 144 13.04 15.95 -18.41
N PRO A 145 13.86 15.95 -19.47
CA PRO A 145 14.84 14.84 -19.60
C PRO A 145 15.72 14.67 -18.36
N LEU A 146 16.18 15.77 -17.78
CA LEU A 146 17.01 15.67 -16.58
C LEU A 146 16.21 15.16 -15.41
N GLU A 147 14.93 15.52 -15.33
CA GLU A 147 14.09 15.04 -14.23
C GLU A 147 13.92 13.52 -14.31
N ARG A 148 13.54 13.00 -15.47
CA ARG A 148 13.35 11.55 -15.59
C ARG A 148 14.65 10.81 -15.28
N GLU A 149 15.78 11.36 -15.71
CA GLU A 149 17.05 10.69 -15.45
C GLU A 149 17.34 10.54 -13.96
N ALA A 150 16.70 11.36 -13.12
CA ALA A 150 16.99 11.38 -11.70
C ALA A 150 15.90 10.75 -10.84
N VAL A 151 14.71 10.50 -11.39
CA VAL A 151 13.60 9.98 -10.60
C VAL A 151 13.91 8.56 -10.19
N ARG A 152 13.64 8.23 -8.92
CA ARG A 152 13.91 6.92 -8.36
C ARG A 152 12.74 6.44 -7.52
N PRO A 153 12.59 5.13 -7.36
CA PRO A 153 11.39 4.64 -6.67
C PRO A 153 11.45 4.82 -5.16
N GLY A 154 10.27 4.88 -4.58
CA GLY A 154 10.11 4.98 -3.14
C GLY A 154 8.83 4.32 -2.71
N VAL A 155 8.55 4.42 -1.42
CA VAL A 155 7.38 3.79 -0.84
C VAL A 155 6.70 4.77 0.08
N LEU A 156 5.43 5.02 -0.16
CA LEU A 156 4.61 5.81 0.75
C LEU A 156 4.09 4.86 1.83
N ARG A 157 4.53 5.07 3.06
CA ARG A 157 4.22 4.16 4.15
C ARG A 157 3.00 4.57 4.96
N SER A 158 2.84 5.86 5.27
CA SER A 158 1.71 6.26 6.07
C SER A 158 1.43 7.74 5.87
N ARG A 159 0.20 8.13 6.18
CA ARG A 159 -0.20 9.51 6.40
C ARG A 159 -1.04 9.57 7.67
N ALA A 160 -0.69 10.45 8.60
CA ALA A 160 -1.42 10.50 9.86
C ALA A 160 -1.44 11.93 10.41
N GLU A 161 -2.52 12.26 11.12
CA GLU A 161 -2.64 13.54 11.81
C GLU A 161 -2.21 13.42 13.27
N TYR A 162 -1.49 14.42 13.74
CA TYR A 162 -0.95 14.42 15.10
C TYR A 162 -1.37 15.71 15.76
N THR A 163 -1.89 15.63 16.98
CA THR A 163 -2.18 16.79 17.80
C THR A 163 -1.30 16.73 19.03
N GLU A 164 -1.45 17.74 19.90
CA GLU A 164 -0.71 17.74 21.16
C GLU A 164 -1.09 16.57 22.05
N ALA A 165 -2.25 15.95 21.79
CA ALA A 165 -2.63 14.78 22.55
C ALA A 165 -1.98 13.52 22.02
N SER A 166 -1.50 13.53 20.78
CA SER A 166 -0.81 12.38 20.21
C SER A 166 0.59 12.25 20.82
N GLY A 167 1.09 11.04 20.85
CA GLY A 167 2.44 10.82 21.25
C GLY A 167 3.42 11.31 20.20
N PRO A 168 4.70 11.10 20.48
CA PRO A 168 5.75 11.54 19.54
C PRO A 168 5.72 10.76 18.24
N CYS A 169 6.11 11.42 17.16
CA CYS A 169 6.32 10.79 15.86
C CYS A 169 7.81 10.55 15.68
N VAL A 170 8.20 9.30 15.40
CA VAL A 170 9.60 8.88 15.44
C VAL A 170 10.00 8.36 14.08
N LEU A 171 11.23 8.68 13.66
CA LEU A 171 11.80 8.13 12.45
C LEU A 171 13.21 7.62 12.72
N THR A 172 13.65 6.67 11.87
CA THR A 172 14.98 6.06 12.01
C THR A 172 15.73 6.22 10.70
N PRO A 173 17.02 5.90 10.68
CA PRO A 173 17.75 6.02 9.41
C PRO A 173 17.18 5.16 8.32
N HIS A 174 16.49 4.07 8.66
CA HIS A 174 16.06 3.10 7.68
C HIS A 174 14.54 3.00 7.51
N ARG A 175 13.76 3.74 8.29
CA ARG A 175 12.31 3.63 8.20
C ARG A 175 11.67 4.97 8.48
N ASP A 176 10.74 5.37 7.61
CA ASP A 176 10.07 6.67 7.68
C ASP A 176 11.06 7.82 7.63
N ASN A 177 12.16 7.64 6.89
CA ASN A 177 13.24 8.60 6.88
C ASN A 177 12.92 9.85 6.06
N LEU A 178 11.93 9.77 5.18
CA LEU A 178 11.39 10.93 4.49
C LEU A 178 10.02 11.29 5.07
N HIS A 179 9.76 12.57 5.26
CA HIS A 179 8.38 12.91 5.60
C HIS A 179 8.10 14.36 5.21
N GLN A 180 6.82 14.64 5.07
CA GLN A 180 6.26 15.97 4.86
C GLN A 180 5.37 16.28 6.04
N ILE A 181 5.31 17.53 6.46
CA ILE A 181 4.55 17.92 7.64
C ILE A 181 3.70 19.10 7.24
N ASP A 182 2.38 18.92 7.23
CA ASP A 182 1.43 19.95 6.80
C ASP A 182 0.65 20.48 8.01
N ALA A 183 0.46 21.79 8.10
CA ALA A 183 -0.37 22.34 9.15
C ALA A 183 -1.84 22.17 8.75
N VAL A 184 -2.67 21.69 9.66
CA VAL A 184 -4.06 21.34 9.35
C VAL A 184 -4.97 22.30 10.10
N ASP A 185 -5.80 23.03 9.37
CA ASP A 185 -6.81 23.91 9.95
C ASP A 185 -6.21 24.84 11.01
N GLY A 186 -5.08 25.44 10.67
CA GLY A 186 -4.57 26.52 11.48
C GLY A 186 -3.11 26.32 11.77
N PRO A 187 -2.52 27.25 12.53
CA PRO A 187 -1.10 27.14 12.85
C PRO A 187 -0.83 25.92 13.71
N ALA A 188 0.44 25.52 13.76
CA ALA A 188 0.84 24.39 14.57
C ALA A 188 2.33 24.53 14.89
N ALA A 189 2.78 23.79 15.89
CA ALA A 189 4.19 23.84 16.24
C ALA A 189 4.58 22.50 16.85
N PHE A 190 5.85 22.13 16.67
CA PHE A 190 6.34 20.88 17.26
C PHE A 190 7.78 21.05 17.73
N LEU A 191 8.10 20.33 18.79
CA LEU A 191 9.47 20.23 19.24
C LEU A 191 10.11 19.08 18.50
N ASP A 192 11.30 19.32 17.91
CA ASP A 192 11.99 18.34 17.09
C ASP A 192 13.36 18.00 17.65
N ILE A 193 13.67 16.70 17.64
CA ILE A 193 14.99 16.18 17.99
C ILE A 193 15.55 15.41 16.81
N LEU A 194 16.75 15.76 16.38
CA LEU A 194 17.45 15.06 15.31
C LEU A 194 18.82 14.63 15.80
N ALA A 195 19.20 13.41 15.47
CA ALA A 195 20.51 12.89 15.87
C ALA A 195 21.07 11.87 14.89
N PRO A 196 22.29 12.06 14.40
CA PRO A 196 23.10 13.28 14.52
C PRO A 196 22.39 14.45 13.81
N PRO A 197 22.82 15.69 14.03
CA PRO A 197 22.21 16.83 13.33
C PRO A 197 22.57 16.79 11.85
N TYR A 198 21.85 17.60 11.06
CA TYR A 198 22.25 17.78 9.67
C TYR A 198 23.65 18.36 9.68
N ASP A 199 24.49 17.89 8.74
CA ASP A 199 25.86 18.38 8.59
C ASP A 199 26.31 18.13 7.16
N PRO A 200 26.21 19.13 6.28
CA PRO A 200 26.69 18.95 4.89
C PRO A 200 28.13 18.47 4.80
N GLU A 201 28.98 18.85 5.76
CA GLU A 201 30.37 18.45 5.73
C GLU A 201 30.52 16.93 5.83
N ASP A 202 29.55 16.25 6.42
CA ASP A 202 29.58 14.80 6.60
C ASP A 202 28.64 14.09 5.64
N GLY A 203 28.17 14.77 4.60
CA GLY A 203 27.25 14.16 3.68
C GLY A 203 25.84 13.98 4.19
N ARG A 204 25.49 14.65 5.29
CA ARG A 204 24.13 14.58 5.81
C ARG A 204 23.41 15.89 5.48
N ASP A 205 22.89 15.97 4.26
CA ASP A 205 22.22 17.16 3.77
C ASP A 205 20.71 17.04 4.03
N CYS A 206 20.09 18.19 4.25
CA CYS A 206 18.64 18.29 4.33
C CYS A 206 18.13 18.50 2.91
N HIS A 207 17.87 17.39 2.21
CA HIS A 207 17.40 17.42 0.83
C HIS A 207 15.87 17.26 0.75
N TYR A 208 15.29 17.85 -0.28
CA TYR A 208 13.86 17.82 -0.51
C TYR A 208 13.52 16.96 -1.72
N TYR A 209 12.29 16.44 -1.70
CA TYR A 209 11.82 15.52 -2.72
C TYR A 209 10.40 15.91 -3.15
N ARG A 210 10.04 15.52 -4.36
CA ARG A 210 8.68 15.71 -4.83
C ARG A 210 8.23 14.41 -5.46
N VAL A 211 7.02 13.99 -5.14
CA VAL A 211 6.41 12.82 -5.75
C VAL A 211 5.92 13.21 -7.14
N VAL A 212 6.25 12.39 -8.15
CA VAL A 212 5.76 12.58 -9.51
C VAL A 212 4.76 11.47 -9.82
N GLU A 213 3.60 11.86 -10.38
CA GLU A 213 2.48 10.94 -10.58
C GLU A 213 2.49 10.45 -12.01
N PRO A 214 2.47 9.13 -12.24
CA PRO A 214 2.45 8.62 -13.62
C PRO A 214 1.05 8.73 -14.22
N ILE A 215 1.01 9.03 -15.51
CA ILE A 215 -0.24 9.14 -16.26
C ILE A 215 -0.45 7.76 -16.89
N ARG A 216 -1.08 6.86 -16.15
CA ARG A 216 -1.42 5.53 -16.67
C ARG A 216 -2.66 5.03 -15.94
N PRO A 217 -3.86 5.21 -16.54
CA PRO A 217 -5.09 4.68 -15.94
C PRO A 217 -5.25 3.17 -16.13
N ALA A 224 -8.14 2.87 -6.16
CA ALA A 224 -6.73 3.21 -5.92
C ALA A 224 -6.07 2.14 -5.06
N CYS A 225 -4.77 2.32 -4.78
CA CYS A 225 -3.98 1.35 -4.03
C CYS A 225 -3.85 1.74 -2.57
N ASP A 226 -3.93 0.74 -1.69
CA ASP A 226 -3.70 0.95 -0.27
C ASP A 226 -2.23 1.24 0.01
N LEU A 227 -1.96 1.78 1.18
CA LEU A 227 -0.59 1.85 1.65
C LEU A 227 -0.18 0.50 2.24
N PRO A 228 1.12 0.13 2.16
CA PRO A 228 2.21 0.88 1.53
C PRO A 228 2.09 0.90 0.00
N ARG A 229 2.49 2.00 -0.61
CA ARG A 229 2.26 2.25 -2.02
C ARG A 229 3.54 2.70 -2.72
N GLU A 230 3.82 2.10 -3.86
CA GLU A 230 4.96 2.52 -4.65
C GLU A 230 4.77 3.96 -5.13
N VAL A 231 5.82 4.76 -5.02
CA VAL A 231 5.80 6.13 -5.53
C VAL A 231 7.12 6.39 -6.24
N TRP A 232 7.12 7.41 -7.09
CA TRP A 232 8.32 7.89 -7.74
C TRP A 232 8.75 9.21 -7.11
N LEU A 233 10.02 9.30 -6.74
CA LEU A 233 10.53 10.44 -5.99
C LEU A 233 11.61 11.13 -6.81
N LEU A 234 11.60 12.47 -6.78
CA LEU A 234 12.59 13.28 -7.46
C LEU A 234 13.19 14.27 -6.47
N GLU A 235 14.52 14.21 -6.26
CA GLU A 235 15.22 15.24 -5.49
C GLU A 235 15.08 16.58 -6.19
N THR A 236 14.85 17.63 -5.41
CA THR A 236 14.51 18.94 -5.95
C THR A 236 14.84 19.99 -4.91
N PRO A 237 15.06 21.24 -5.32
CA PRO A 237 15.04 22.34 -4.34
C PRO A 237 13.67 22.46 -3.68
N GLN A 238 13.64 23.00 -2.47
CA GLN A 238 12.37 23.20 -1.80
C GLN A 238 11.47 24.10 -2.64
N ALA A 239 10.15 23.97 -2.42
CA ALA A 239 9.17 24.75 -3.17
C ALA A 239 9.38 26.24 -2.96
N ASP A 240 8.94 27.02 -3.97
CA ASP A 240 9.24 28.45 -3.96
C ASP A 240 8.55 29.13 -2.80
N ASP A 241 7.44 28.58 -2.36
CA ASP A 241 6.66 29.20 -1.29
C ASP A 241 7.07 28.70 0.08
N PHE A 242 8.16 27.94 0.19
CA PHE A 242 8.61 27.48 1.48
C PHE A 242 10.02 27.98 1.81
N TRP A 243 10.17 28.52 3.02
CA TRP A 243 11.46 28.75 3.64
C TRP A 243 11.24 28.90 5.14
N CYS A 244 12.32 28.79 5.90
CA CYS A 244 12.24 28.81 7.36
C CYS A 244 13.28 29.78 7.89
N GLU A 245 12.86 30.67 8.80
CA GLU A 245 13.74 31.64 9.44
C GLU A 245 13.70 31.41 10.94
N GLY A 246 14.74 31.85 11.63
CA GLY A 246 14.78 31.69 13.06
C GLY A 246 14.03 32.79 13.78
N GLU A 247 13.51 32.48 14.95
CA GLU A 247 12.93 33.49 15.82
C GLU A 247 13.34 33.13 17.23
N PRO A 248 13.30 34.10 18.17
CA PRO A 248 13.88 33.87 19.51
C PRO A 248 13.15 32.79 20.28
N TYR A 249 13.95 31.95 20.97
CA TYR A 249 13.42 30.93 21.86
C TYR A 249 13.16 31.54 23.24
N PRO A 250 11.92 31.51 23.75
CA PRO A 250 11.63 32.11 25.05
C PRO A 250 11.68 31.19 26.26
N GLY A 251 11.93 29.88 26.08
CA GLY A 251 11.75 28.93 27.13
C GLY A 251 12.98 28.77 28.00
N PRO A 252 12.90 27.82 28.90
CA PRO A 252 14.03 27.58 29.80
C PRO A 252 15.32 27.32 29.03
N LYS A 253 16.40 27.96 29.45
CA LYS A 253 17.67 27.79 28.76
C LYS A 253 18.26 26.41 29.08
N VAL A 254 18.87 25.79 28.07
CA VAL A 254 19.51 24.50 28.24
C VAL A 254 21.01 24.72 28.35
N LEU A 255 21.63 24.06 29.31
CA LEU A 255 23.05 24.15 29.55
C LEU A 255 23.73 22.83 29.23
N PRO A 256 25.07 22.81 29.09
CA PRO A 256 25.81 21.55 28.92
C PRO A 256 25.57 20.56 30.07
N ASN B 5 -40.64 29.06 -24.71
CA ASN B 5 -40.15 27.99 -25.58
C ASN B 5 -39.62 26.81 -24.75
N MET B 6 -38.31 26.76 -24.52
CA MET B 6 -37.71 25.67 -23.79
C MET B 6 -37.93 25.79 -22.28
N ALA B 7 -37.98 24.65 -21.61
CA ALA B 7 -38.27 24.61 -20.19
C ALA B 7 -37.08 25.08 -19.37
N SER B 8 -37.36 25.39 -18.11
CA SER B 8 -36.30 25.74 -17.18
C SER B 8 -35.33 24.58 -17.02
N LEU B 9 -34.09 24.90 -16.64
CA LEU B 9 -33.09 23.87 -16.41
C LEU B 9 -33.54 22.85 -15.38
N ILE B 10 -34.19 23.29 -14.30
CA ILE B 10 -34.53 22.31 -13.27
C ILE B 10 -35.64 21.37 -13.76
N GLN B 11 -36.58 21.88 -14.57
CA GLN B 11 -37.60 21.04 -15.16
C GLN B 11 -36.99 20.04 -16.13
N ARG B 12 -35.98 20.45 -16.88
CA ARG B 12 -35.31 19.51 -17.79
C ARG B 12 -34.53 18.46 -17.02
N ILE B 13 -34.00 18.82 -15.85
CA ILE B 13 -33.31 17.83 -15.03
C ILE B 13 -34.28 16.77 -14.53
N ALA B 14 -35.45 17.21 -14.03
CA ALA B 14 -36.51 16.30 -13.60
C ALA B 14 -36.95 15.36 -14.72
N ARG B 15 -37.28 15.89 -15.90
CA ARG B 15 -37.70 15.02 -17.00
C ARG B 15 -36.60 14.04 -17.42
N GLN B 16 -35.35 14.48 -17.42
CA GLN B 16 -34.25 13.57 -17.75
C GLN B 16 -34.05 12.51 -16.67
N ALA B 17 -34.16 12.91 -15.39
CA ALA B 17 -34.06 11.96 -14.30
C ALA B 17 -35.18 10.93 -14.36
N CYS B 18 -36.38 11.36 -14.74
CA CYS B 18 -37.51 10.45 -14.82
C CYS B 18 -37.28 9.38 -15.87
N LEU B 19 -36.79 9.78 -17.05
CA LEU B 19 -36.40 8.79 -18.06
C LEU B 19 -35.27 7.89 -17.55
N THR B 20 -34.23 8.48 -16.94
CA THR B 20 -33.01 7.74 -16.64
C THR B 20 -33.27 6.63 -15.64
N PHE B 21 -34.16 6.88 -14.68
CA PHE B 21 -34.39 5.94 -13.60
C PHE B 21 -35.73 5.23 -13.72
N ARG B 22 -36.22 5.04 -14.95
CA ARG B 22 -37.43 4.27 -15.20
C ARG B 22 -37.09 2.79 -15.24
N GLY B 30 -33.55 -4.27 -13.60
CA GLY B 30 -32.42 -4.44 -14.49
C GLY B 30 -31.92 -3.12 -15.09
N PRO B 31 -30.93 -3.21 -16.02
CA PRO B 31 -30.41 -2.00 -16.66
C PRO B 31 -31.21 -1.57 -17.89
N ALA B 32 -31.87 -0.40 -17.82
CA ALA B 32 -32.69 0.06 -18.92
C ALA B 32 -31.85 0.38 -20.14
N PRO B 33 -32.47 0.38 -21.33
CA PRO B 33 -31.70 0.62 -22.56
C PRO B 33 -31.11 2.03 -22.54
N GLY B 34 -29.84 2.14 -22.93
CA GLY B 34 -29.19 3.44 -22.94
C GLY B 34 -29.00 4.08 -21.59
N PHE B 35 -29.14 3.32 -20.50
CA PHE B 35 -28.96 3.92 -19.17
C PHE B 35 -27.65 4.66 -19.01
N PRO B 36 -26.49 4.09 -19.35
CA PRO B 36 -25.23 4.87 -19.24
C PRO B 36 -25.29 6.23 -19.93
N GLU B 37 -25.86 6.29 -21.14
CA GLU B 37 -25.95 7.57 -21.83
C GLU B 37 -27.00 8.46 -21.19
N ASN B 38 -28.13 7.89 -20.76
CA ASN B 38 -29.12 8.69 -20.04
C ASN B 38 -28.51 9.30 -18.78
N LEU B 39 -27.75 8.49 -18.04
CA LEU B 39 -27.14 8.99 -16.82
C LEU B 39 -26.09 10.05 -17.12
N SER B 40 -25.31 9.85 -18.18
CA SER B 40 -24.31 10.83 -18.55
C SER B 40 -24.96 12.17 -18.95
N LEU B 41 -26.12 12.14 -19.62
CA LEU B 41 -26.82 13.38 -19.95
C LEU B 41 -27.41 14.06 -18.70
N LEU B 42 -28.01 13.28 -17.80
CA LEU B 42 -28.45 13.84 -16.53
C LEU B 42 -27.32 14.57 -15.83
N LYS B 43 -26.12 13.98 -15.81
CA LYS B 43 -24.98 14.59 -15.12
C LYS B 43 -24.56 15.88 -15.79
N SER B 44 -24.58 15.93 -17.13
CA SER B 44 -24.20 17.15 -17.85
C SER B 44 -25.19 18.28 -17.58
N LEU B 45 -26.47 17.95 -17.40
CA LEU B 45 -27.44 18.98 -17.01
C LEU B 45 -27.21 19.43 -15.57
N LEU B 46 -26.99 18.49 -14.68
CA LEU B 46 -26.78 18.87 -13.29
C LEU B 46 -25.52 19.71 -13.14
N THR B 47 -24.52 19.44 -13.98
CA THR B 47 -23.29 20.20 -13.89
C THR B 47 -23.53 21.65 -14.17
N GLN B 48 -24.56 21.97 -14.94
CA GLN B 48 -24.86 23.34 -15.32
C GLN B 48 -25.62 24.13 -14.26
N VAL B 49 -26.23 23.47 -13.27
CA VAL B 49 -27.16 24.15 -12.37
C VAL B 49 -26.40 25.12 -11.49
N ARG B 50 -27.00 26.28 -11.25
CA ARG B 50 -26.48 27.32 -10.37
C ARG B 50 -27.57 27.72 -9.39
N ALA B 51 -27.13 28.33 -8.29
CA ALA B 51 -28.08 28.75 -7.26
C ALA B 51 -29.18 29.63 -7.83
N GLU B 52 -28.82 30.54 -8.75
CA GLU B 52 -29.80 31.49 -9.26
C GLU B 52 -30.83 30.82 -10.15
N ASP B 53 -30.50 29.65 -10.71
CA ASP B 53 -31.46 28.91 -11.53
C ASP B 53 -32.62 28.40 -10.68
N LEU B 54 -32.42 28.25 -9.38
CA LEU B 54 -33.46 27.83 -8.44
C LEU B 54 -33.99 28.97 -7.60
N ASN B 55 -33.55 30.20 -7.86
CA ASN B 55 -33.99 31.37 -7.12
C ASN B 55 -33.58 31.30 -5.65
N ILE B 56 -32.44 30.68 -5.37
CA ILE B 56 -31.91 30.56 -4.01
C ILE B 56 -30.69 31.45 -3.88
N ALA B 57 -30.78 32.44 -3.01
CA ALA B 57 -29.66 33.33 -2.81
C ALA B 57 -28.65 32.68 -1.88
N PRO B 58 -27.36 32.86 -2.11
CA PRO B 58 -26.37 32.31 -1.18
C PRO B 58 -26.56 32.89 0.22
N ARG B 59 -26.47 32.03 1.23
CA ARG B 59 -26.76 32.40 2.60
C ARG B 59 -25.47 32.60 3.37
N LYS B 60 -25.39 33.72 4.07
CA LYS B 60 -24.27 34.04 4.93
C LYS B 60 -24.51 33.46 6.33
N ALA B 61 -23.42 33.24 7.06
CA ALA B 61 -23.54 32.63 8.37
C ALA B 61 -24.42 33.49 9.29
N LEU B 62 -25.24 32.83 10.08
CA LEU B 62 -25.91 33.46 11.21
C LEU B 62 -24.92 33.69 12.36
N PRO B 63 -25.21 34.63 13.27
CA PRO B 63 -24.38 34.76 14.48
C PRO B 63 -24.24 33.41 15.20
N GLN B 64 -23.06 33.20 15.77
CA GLN B 64 -22.74 31.89 16.32
C GLN B 64 -22.61 31.99 17.83
N PRO B 65 -22.90 30.91 18.57
CA PRO B 65 -23.33 29.61 18.02
C PRO B 65 -24.80 29.63 17.57
N LEU B 66 -25.20 28.66 16.76
CA LEU B 66 -26.60 28.59 16.38
C LEU B 66 -27.47 28.19 17.57
N PRO B 67 -28.62 28.83 17.77
CA PRO B 67 -29.54 28.35 18.80
C PRO B 67 -29.83 26.88 18.60
N ARG B 68 -29.89 26.12 19.71
CA ARG B 68 -30.13 24.68 19.61
C ARG B 68 -31.54 24.33 19.12
N ASN B 69 -32.43 25.32 19.02
CA ASN B 69 -33.79 25.08 18.54
C ASN B 69 -33.92 25.23 17.03
N LEU B 70 -32.96 25.91 16.36
CA LEU B 70 -33.02 26.02 14.91
C LEU B 70 -32.58 24.71 14.26
N PRO B 71 -33.28 24.26 13.22
CA PRO B 71 -32.80 23.10 12.48
C PRO B 71 -31.42 23.35 11.90
N PRO B 72 -30.46 22.46 12.14
CA PRO B 72 -29.14 22.65 11.53
C PRO B 72 -29.16 22.56 10.02
N VAL B 73 -30.05 21.73 9.47
CA VAL B 73 -30.17 21.53 8.04
C VAL B 73 -31.63 21.64 7.67
N THR B 74 -31.93 22.23 6.51
CA THR B 74 -33.28 22.26 5.99
C THR B 74 -33.28 21.70 4.57
N TYR B 75 -34.48 21.44 4.04
CA TYR B 75 -34.67 20.78 2.76
C TYR B 75 -35.77 21.49 2.00
N MET B 76 -35.52 21.79 0.73
CA MET B 76 -36.53 22.29 -0.20
C MET B 76 -36.96 21.18 -1.14
N HIS B 77 -38.23 20.80 -1.08
CA HIS B 77 -38.72 19.79 -1.99
C HIS B 77 -38.99 20.40 -3.36
N ILE B 78 -38.50 19.75 -4.38
CA ILE B 78 -38.77 20.17 -5.74
C ILE B 78 -39.71 19.19 -6.45
N TYR B 79 -39.39 17.91 -6.44
CA TYR B 79 -40.18 16.93 -7.16
C TYR B 79 -39.82 15.54 -6.66
N GLU B 80 -40.81 14.66 -6.58
CA GLU B 80 -40.57 13.29 -6.17
C GLU B 80 -41.59 12.42 -6.87
N THR B 81 -41.15 11.30 -7.40
CA THR B 81 -41.98 10.27 -7.98
C THR B 81 -41.66 8.94 -7.28
N GLU B 82 -42.20 7.84 -7.79
CA GLU B 82 -41.78 6.53 -7.33
C GLU B 82 -40.37 6.19 -7.80
N GLY B 83 -39.89 6.89 -8.83
CA GLY B 83 -38.60 6.59 -9.38
C GLY B 83 -37.46 7.41 -8.82
N PHE B 84 -37.70 8.67 -8.43
CA PHE B 84 -36.61 9.50 -7.94
C PHE B 84 -37.16 10.62 -7.07
N SER B 85 -36.26 11.23 -6.33
CA SER B 85 -36.55 12.44 -5.57
C SER B 85 -35.55 13.52 -5.96
N LEU B 86 -36.01 14.76 -5.96
CA LEU B 86 -35.21 15.91 -6.34
C LEU B 86 -35.50 17.03 -5.36
N GLY B 87 -34.44 17.64 -4.83
CA GLY B 87 -34.58 18.65 -3.79
C GLY B 87 -33.25 19.19 -3.37
N VAL B 88 -33.30 20.24 -2.55
CA VAL B 88 -32.12 21.00 -2.15
C VAL B 88 -31.95 20.86 -0.64
N PHE B 89 -30.76 20.50 -0.22
CA PHE B 89 -30.41 20.54 1.20
C PHE B 89 -29.58 21.77 1.50
N LEU B 90 -29.91 22.47 2.60
CA LEU B 90 -29.27 23.74 2.96
C LEU B 90 -28.65 23.57 4.34
N LEU B 91 -27.33 23.57 4.40
CA LEU B 91 -26.65 23.36 5.67
C LEU B 91 -26.24 24.69 6.26
N LYS B 92 -26.46 24.85 7.56
CA LYS B 92 -26.00 26.04 8.26
C LYS B 92 -24.54 25.87 8.66
N SER B 93 -23.91 26.97 9.07
CA SER B 93 -22.49 26.97 9.44
C SER B 93 -22.21 25.94 10.54
N GLY B 94 -21.12 25.19 10.35
CA GLY B 94 -20.72 24.23 11.38
C GLY B 94 -21.54 22.96 11.42
N THR B 95 -22.46 22.75 10.49
CA THR B 95 -23.31 21.59 10.52
C THR B 95 -22.84 20.54 9.52
N CYS B 96 -23.45 19.37 9.60
CA CYS B 96 -23.20 18.32 8.62
C CYS B 96 -24.43 17.46 8.46
N ILE B 97 -24.48 16.69 7.38
CA ILE B 97 -25.37 15.54 7.27
C ILE B 97 -24.53 14.32 7.61
N PRO B 98 -24.73 13.70 8.79
CA PRO B 98 -23.81 12.64 9.26
C PRO B 98 -23.81 11.48 8.28
N LEU B 99 -22.74 10.69 8.40
CA LEU B 99 -22.47 9.54 7.55
C LEU B 99 -23.67 8.63 7.43
N HIS B 100 -24.00 8.27 6.19
CA HIS B 100 -25.20 7.48 5.94
C HIS B 100 -25.06 6.80 4.58
N ASP B 101 -25.91 5.82 4.35
CA ASP B 101 -25.89 5.06 3.11
C ASP B 101 -27.08 5.41 2.21
N HIS B 102 -27.09 4.80 1.01
CA HIS B 102 -28.18 4.96 0.04
C HIS B 102 -28.49 3.60 -0.55
N PRO B 103 -29.05 2.69 0.24
CA PRO B 103 -29.05 1.26 -0.15
C PRO B 103 -29.83 1.03 -1.44
N GLY B 104 -29.16 0.42 -2.42
CA GLY B 104 -29.72 0.11 -3.71
C GLY B 104 -30.04 1.32 -4.54
N MET B 105 -29.45 2.47 -4.24
CA MET B 105 -29.77 3.71 -4.92
C MET B 105 -28.59 4.32 -5.67
N HIS B 106 -28.92 5.06 -6.72
CA HIS B 106 -28.02 6.00 -7.36
C HIS B 106 -28.21 7.36 -6.71
N GLY B 107 -27.17 8.17 -6.74
CA GLY B 107 -27.21 9.49 -6.15
C GLY B 107 -26.37 10.47 -6.94
N MET B 108 -26.85 11.71 -7.02
CA MET B 108 -26.13 12.77 -7.69
C MET B 108 -26.42 14.09 -6.99
N LEU B 109 -25.38 14.85 -6.66
CA LEU B 109 -25.54 16.17 -6.06
C LEU B 109 -24.55 17.17 -6.65
N LYS B 110 -24.97 18.44 -6.63
CA LYS B 110 -24.28 19.58 -7.20
C LYS B 110 -24.33 20.68 -6.14
N VAL B 111 -23.16 21.21 -5.76
CA VAL B 111 -23.13 22.29 -4.79
C VAL B 111 -23.62 23.59 -5.45
N LEU B 112 -24.49 24.31 -4.74
CA LEU B 112 -25.05 25.59 -5.17
C LEU B 112 -24.29 26.79 -4.61
N TYR B 113 -23.86 26.76 -3.34
CA TYR B 113 -23.04 27.81 -2.75
C TYR B 113 -22.31 27.19 -1.58
N GLY B 114 -21.21 27.83 -1.20
CA GLY B 114 -20.48 27.38 -0.04
C GLY B 114 -19.53 26.28 -0.42
N THR B 115 -18.99 25.65 0.62
CA THR B 115 -18.05 24.55 0.50
C THR B 115 -18.48 23.41 1.41
N VAL B 116 -18.41 22.19 0.90
CA VAL B 116 -18.72 21.02 1.71
C VAL B 116 -17.57 20.04 1.59
N ARG B 117 -17.24 19.37 2.68
CA ARG B 117 -16.33 18.24 2.67
C ARG B 117 -17.17 16.98 2.58
N ILE B 118 -16.94 16.18 1.56
CA ILE B 118 -17.70 14.94 1.36
C ILE B 118 -16.73 13.80 1.54
N SER B 119 -16.99 12.93 2.53
CA SER B 119 -16.24 11.71 2.74
C SER B 119 -17.04 10.54 2.17
N CYS B 120 -16.45 9.81 1.24
CA CYS B 120 -17.14 8.77 0.47
C CYS B 120 -16.59 7.42 0.88
N MET B 121 -17.49 6.49 1.21
CA MET B 121 -17.10 5.19 1.71
C MET B 121 -18.01 4.11 1.14
N ASP B 122 -17.63 2.86 1.36
CA ASP B 122 -18.45 1.71 1.02
C ASP B 122 -18.26 0.66 2.11
N LYS B 123 -19.32 -0.06 2.44
CA LYS B 123 -19.17 -1.25 3.27
C LYS B 123 -18.58 -2.39 2.45
N LEU B 124 -17.72 -3.19 3.08
CA LEU B 124 -17.08 -4.32 2.42
C LEU B 124 -17.91 -5.58 2.65
N ASP B 125 -18.07 -6.38 1.60
CA ASP B 125 -18.73 -7.67 1.74
C ASP B 125 -17.91 -8.53 2.67
N THR B 126 -18.58 -9.15 3.65
CA THR B 126 -17.94 -10.05 4.60
C THR B 126 -18.66 -11.38 4.70
N GLY B 127 -19.42 -11.76 3.68
CA GLY B 127 -20.14 -13.02 3.67
C GLY B 127 -19.25 -14.23 3.64
N ALA B 128 -17.99 -14.07 3.23
CA ALA B 128 -17.04 -15.18 3.23
C ALA B 128 -16.42 -15.37 4.60
N GLY B 129 -16.59 -14.40 5.50
CA GLY B 129 -16.21 -14.55 6.89
C GLY B 129 -14.81 -14.05 7.14
N HIS B 130 -14.44 -14.16 8.43
CA HIS B 130 -13.10 -13.93 8.96
C HIS B 130 -12.65 -12.48 8.89
N ARG B 131 -13.58 -11.54 8.94
CA ARG B 131 -13.21 -10.14 8.81
C ARG B 131 -13.39 -9.32 10.08
N ARG B 132 -13.25 -9.94 11.25
CA ARG B 132 -13.17 -9.17 12.48
C ARG B 132 -11.87 -8.36 12.47
N PRO B 133 -11.80 -7.28 13.23
CA PRO B 133 -10.52 -6.56 13.40
C PRO B 133 -9.46 -7.49 13.96
N PRO B 134 -8.17 -7.20 13.77
CA PRO B 134 -7.13 -7.95 14.49
C PRO B 134 -7.40 -7.90 15.98
N PRO B 135 -7.38 -9.05 16.68
CA PRO B 135 -7.66 -9.02 18.12
C PRO B 135 -6.75 -8.11 18.93
N GLU B 136 -5.48 -8.02 18.56
CA GLU B 136 -4.54 -7.23 19.35
C GLU B 136 -4.60 -5.75 19.02
N GLN B 137 -5.42 -5.33 18.08
CA GLN B 137 -5.52 -3.92 17.71
C GLN B 137 -6.72 -3.29 18.41
N GLN B 138 -6.47 -2.33 19.28
CA GLN B 138 -7.55 -1.63 19.95
C GLN B 138 -7.95 -0.41 19.13
N PHE B 139 -9.04 0.24 19.54
CA PHE B 139 -9.50 1.47 18.92
C PHE B 139 -9.27 2.65 19.86
N GLU B 140 -9.41 3.85 19.31
CA GLU B 140 -9.29 5.11 20.04
C GLU B 140 -10.49 6.00 19.73
N PRO B 141 -11.42 6.21 20.67
CA PRO B 141 -11.40 5.66 22.05
C PRO B 141 -11.62 4.15 22.04
N PRO B 142 -11.28 3.48 23.15
CA PRO B 142 -11.53 2.04 23.24
C PRO B 142 -13.01 1.76 23.02
N LEU B 143 -13.29 0.64 22.35
CA LEU B 143 -14.67 0.19 22.16
C LEU B 143 -15.14 -0.71 23.31
N GLN B 144 -16.44 -0.63 23.61
CA GLN B 144 -17.05 -1.56 24.54
C GLN B 144 -17.21 -2.93 23.89
N PRO B 145 -17.36 -4.00 24.69
CA PRO B 145 -17.37 -5.35 24.10
C PRO B 145 -18.40 -5.54 23.00
N LEU B 146 -19.66 -5.17 23.26
CA LEU B 146 -20.69 -5.33 22.23
C LEU B 146 -20.40 -4.47 21.01
N GLU B 147 -19.89 -3.25 21.23
CA GLU B 147 -19.50 -2.40 20.11
C GLU B 147 -18.45 -3.08 19.25
N ARG B 148 -17.45 -3.69 19.88
CA ARG B 148 -16.40 -4.33 19.08
C ARG B 148 -16.93 -5.54 18.33
N GLU B 149 -17.98 -6.17 18.85
CA GLU B 149 -18.56 -7.30 18.13
C GLU B 149 -19.37 -6.84 16.92
N ALA B 150 -20.01 -5.68 17.01
CA ALA B 150 -20.87 -5.18 15.94
C ALA B 150 -20.13 -4.42 14.85
N VAL B 151 -18.84 -4.13 15.02
CA VAL B 151 -18.12 -3.31 14.07
C VAL B 151 -17.94 -4.08 12.76
N ARG B 152 -18.07 -3.39 11.63
CA ARG B 152 -17.98 -4.01 10.32
C ARG B 152 -17.00 -3.27 9.44
N PRO B 153 -16.31 -3.98 8.54
CA PRO B 153 -15.27 -3.33 7.73
C PRO B 153 -15.84 -2.51 6.57
N GLY B 154 -15.11 -1.44 6.26
CA GLY B 154 -15.47 -0.56 5.17
C GLY B 154 -14.20 -0.05 4.53
N VAL B 155 -14.37 0.65 3.41
CA VAL B 155 -13.27 1.34 2.74
C VAL B 155 -13.63 2.82 2.61
N LEU B 156 -12.79 3.67 3.17
CA LEU B 156 -12.92 5.11 2.96
C LEU B 156 -12.20 5.46 1.67
N ARG B 157 -12.95 5.88 0.66
CA ARG B 157 -12.39 6.07 -0.67
C ARG B 157 -11.90 7.49 -0.92
N SER B 158 -12.60 8.51 -0.42
CA SER B 158 -12.20 9.88 -0.72
C SER B 158 -12.71 10.80 0.37
N ARG B 159 -12.02 11.93 0.56
N ARG B 159 -12.02 11.93 0.56
CA ARG B 159 -12.38 12.93 1.57
CA ARG B 159 -12.38 12.92 1.56
C ARG B 159 -11.89 14.26 1.02
C ARG B 159 -11.89 14.26 1.02
N ALA B 160 -12.78 15.00 0.38
CA ALA B 160 -12.40 16.19 -0.36
C ALA B 160 -13.46 17.27 -0.19
N GLU B 161 -13.08 18.48 -0.57
CA GLU B 161 -13.97 19.63 -0.52
C GLU B 161 -14.53 19.91 -1.90
N TYR B 162 -15.80 20.29 -1.95
CA TYR B 162 -16.51 20.60 -3.19
C TYR B 162 -17.21 21.96 -3.07
N THR B 163 -17.19 22.72 -4.16
CA THR B 163 -17.84 24.02 -4.26
C THR B 163 -18.70 24.03 -5.51
N GLU B 164 -19.33 25.17 -5.78
CA GLU B 164 -20.15 25.30 -6.98
C GLU B 164 -19.34 25.10 -8.24
N ALA B 165 -18.00 25.18 -8.16
CA ALA B 165 -17.13 24.98 -9.30
C ALA B 165 -16.84 23.51 -9.58
N SER B 166 -17.16 22.62 -8.64
CA SER B 166 -16.86 21.22 -8.80
C SER B 166 -17.96 20.55 -9.62
N GLY B 167 -17.60 19.52 -10.36
CA GLY B 167 -18.60 18.72 -11.02
C GLY B 167 -19.48 18.03 -10.00
N PRO B 168 -20.56 17.40 -10.48
CA PRO B 168 -21.46 16.71 -9.55
C PRO B 168 -20.75 15.56 -8.85
N CYS B 169 -21.13 15.29 -7.61
N CYS B 169 -21.12 15.31 -7.60
CA CYS B 169 -20.67 14.14 -6.84
CA CYS B 169 -20.67 14.13 -6.86
C CYS B 169 -21.70 13.03 -6.98
C CYS B 169 -21.71 13.04 -7.02
N VAL B 170 -21.30 11.89 -7.53
CA VAL B 170 -22.25 10.82 -7.85
C VAL B 170 -21.89 9.59 -7.03
N LEU B 171 -22.92 8.78 -6.76
CA LEU B 171 -22.73 7.50 -6.10
C LEU B 171 -23.65 6.49 -6.76
N THR B 172 -23.32 5.22 -6.58
CA THR B 172 -24.09 4.11 -7.13
C THR B 172 -24.42 3.17 -5.99
N PRO B 173 -25.23 2.14 -6.23
CA PRO B 173 -25.51 1.16 -5.17
C PRO B 173 -24.26 0.50 -4.64
N HIS B 174 -23.18 0.45 -5.44
CA HIS B 174 -22.01 -0.35 -5.11
C HIS B 174 -20.75 0.47 -4.94
N ARG B 175 -20.80 1.78 -5.14
CA ARG B 175 -19.61 2.60 -5.10
C ARG B 175 -19.94 3.93 -4.46
N ASP B 176 -19.17 4.31 -3.44
CA ASP B 176 -19.37 5.58 -2.74
C ASP B 176 -20.76 5.68 -2.15
N ASN B 177 -21.32 4.55 -1.76
CA ASN B 177 -22.70 4.53 -1.30
C ASN B 177 -22.88 5.14 0.07
N LEU B 178 -21.82 5.21 0.90
CA LEU B 178 -21.87 5.90 2.17
C LEU B 178 -21.18 7.24 2.02
N HIS B 179 -21.78 8.30 2.55
CA HIS B 179 -21.01 9.53 2.61
C HIS B 179 -21.50 10.42 3.73
N GLN B 180 -20.60 11.31 4.15
CA GLN B 180 -20.89 12.33 5.14
C GLN B 180 -20.63 13.66 4.46
N ILE B 181 -21.42 14.67 4.76
CA ILE B 181 -21.36 15.97 4.10
C ILE B 181 -21.25 17.03 5.19
N ASP B 182 -20.08 17.67 5.30
CA ASP B 182 -19.85 18.72 6.29
C ASP B 182 -19.81 20.10 5.62
N ALA B 183 -20.49 21.07 6.21
CA ALA B 183 -20.34 22.47 5.77
C ALA B 183 -18.98 22.97 6.24
N VAL B 184 -18.22 23.56 5.31
CA VAL B 184 -16.87 24.05 5.57
C VAL B 184 -16.87 25.57 5.50
N ASP B 185 -16.43 26.21 6.58
CA ASP B 185 -16.24 27.66 6.66
C ASP B 185 -17.48 28.46 6.28
N GLY B 186 -18.65 27.97 6.68
CA GLY B 186 -19.86 28.74 6.47
C GLY B 186 -20.99 27.89 5.93
N PRO B 187 -22.13 28.51 5.68
CA PRO B 187 -23.27 27.77 5.13
C PRO B 187 -22.98 27.23 3.74
N ALA B 188 -23.74 26.21 3.35
CA ALA B 188 -23.60 25.64 2.02
C ALA B 188 -24.95 25.03 1.66
N ALA B 189 -25.12 24.74 0.37
CA ALA B 189 -26.30 24.05 -0.10
C ALA B 189 -26.01 23.27 -1.38
N PHE B 190 -26.77 22.19 -1.58
CA PHE B 190 -26.60 21.35 -2.76
C PHE B 190 -27.95 20.84 -3.25
N LEU B 191 -28.04 20.68 -4.58
CA LEU B 191 -29.16 20.02 -5.22
C LEU B 191 -28.87 18.53 -5.23
N ASP B 192 -29.83 17.72 -4.80
CA ASP B 192 -29.63 16.28 -4.66
C ASP B 192 -30.68 15.53 -5.44
N ILE B 193 -30.27 14.48 -6.15
CA ILE B 193 -31.16 13.57 -6.86
C ILE B 193 -30.88 12.19 -6.30
N LEU B 194 -31.92 11.48 -5.88
CA LEU B 194 -31.80 10.11 -5.39
C LEU B 194 -32.76 9.23 -6.16
N ALA B 195 -32.30 8.03 -6.55
CA ALA B 195 -33.13 7.05 -7.27
C ALA B 195 -32.76 5.59 -6.98
N PRO B 196 -33.73 4.76 -6.58
CA PRO B 196 -35.07 5.14 -6.10
C PRO B 196 -35.00 6.00 -4.84
N PRO B 197 -36.08 6.66 -4.45
CA PRO B 197 -36.06 7.44 -3.20
C PRO B 197 -36.07 6.50 -2.01
N TYR B 198 -35.59 7.00 -0.87
CA TYR B 198 -35.72 6.26 0.38
C TYR B 198 -37.17 5.90 0.61
N ASP B 199 -37.40 4.75 1.22
CA ASP B 199 -38.76 4.32 1.57
C ASP B 199 -38.65 3.41 2.78
N PRO B 200 -38.94 3.92 3.98
CA PRO B 200 -38.92 3.05 5.18
C PRO B 200 -39.94 1.92 5.11
N GLU B 201 -41.00 2.06 4.33
CA GLU B 201 -42.02 1.03 4.23
C GLU B 201 -41.66 -0.09 3.25
N ASP B 202 -40.46 -0.04 2.65
CA ASP B 202 -40.12 -1.00 1.59
C ASP B 202 -38.67 -1.46 1.67
N GLY B 203 -37.99 -1.24 2.79
CA GLY B 203 -36.65 -1.75 2.96
C GLY B 203 -35.52 -0.82 2.57
N ARG B 204 -35.81 0.34 1.97
CA ARG B 204 -34.77 1.31 1.66
C ARG B 204 -34.80 2.40 2.72
N ASP B 205 -34.19 2.10 3.87
CA ASP B 205 -34.11 3.03 4.97
C ASP B 205 -32.73 3.70 4.99
N CYS B 206 -32.71 4.94 5.44
CA CYS B 206 -31.46 5.70 5.55
C CYS B 206 -30.83 5.39 6.92
N HIS B 207 -29.83 4.51 6.94
CA HIS B 207 -29.09 4.21 8.16
C HIS B 207 -27.89 5.15 8.34
N TYR B 208 -27.58 5.48 9.57
CA TYR B 208 -26.45 6.35 9.85
C TYR B 208 -25.35 5.47 10.44
N TYR B 209 -24.10 5.91 10.29
CA TYR B 209 -22.96 5.14 10.76
C TYR B 209 -21.92 6.08 11.41
N ARG B 210 -21.07 5.49 12.23
CA ARG B 210 -19.94 6.21 12.80
C ARG B 210 -18.69 5.38 12.51
N VAL B 211 -17.59 6.07 12.20
CA VAL B 211 -16.29 5.44 12.02
C VAL B 211 -15.60 5.38 13.37
N VAL B 212 -15.00 4.23 13.68
CA VAL B 212 -14.16 4.07 14.85
C VAL B 212 -12.73 3.89 14.39
N GLU B 213 -11.79 4.68 14.98
CA GLU B 213 -10.41 4.78 14.48
C GLU B 213 -9.51 3.76 15.18
N PRO B 214 -8.81 2.91 14.44
CA PRO B 214 -7.87 1.99 15.09
C PRO B 214 -6.58 2.69 15.48
N ILE B 215 -5.99 2.23 16.59
CA ILE B 215 -4.71 2.75 17.00
C ILE B 215 -3.68 2.34 15.96
N ARG B 216 -2.74 3.24 15.69
CA ARG B 216 -1.67 2.94 14.72
C ARG B 216 -0.69 1.94 15.33
N PRO B 217 -0.22 0.96 14.55
CA PRO B 217 0.60 -0.12 15.14
C PRO B 217 1.94 0.38 15.64
N LYS B 218 2.59 -0.47 16.44
CA LYS B 218 3.93 -0.24 16.93
C LYS B 218 4.06 1.10 17.66
N GLU B 219 3.00 1.48 18.35
CA GLU B 219 3.00 2.67 19.20
C GLU B 219 3.44 3.93 18.43
N ALA B 220 3.09 4.02 17.15
CA ALA B 220 3.48 5.16 16.34
C ALA B 220 2.68 6.42 16.68
N SER B 221 1.48 6.27 17.23
CA SER B 221 0.65 7.40 17.64
C SER B 221 0.15 8.16 16.42
N GLY B 222 -0.81 9.05 16.62
CA GLY B 222 -1.41 9.76 15.51
C GLY B 222 -2.61 9.01 14.96
N SER B 223 -3.42 9.74 14.17
CA SER B 223 -4.65 9.22 13.58
C SER B 223 -4.43 9.06 12.07
N ALA B 224 -4.49 7.82 11.60
CA ALA B 224 -4.27 7.55 10.19
C ALA B 224 -5.23 8.39 9.35
N CYS B 225 -4.71 8.93 8.23
CA CYS B 225 -5.57 9.67 7.31
C CYS B 225 -5.23 9.39 5.84
N ASP B 226 -4.61 8.25 5.55
CA ASP B 226 -4.31 7.89 4.17
C ASP B 226 -5.59 7.46 3.46
N LEU B 227 -5.60 7.61 2.12
CA LEU B 227 -6.77 7.31 1.29
C LEU B 227 -6.32 6.61 0.01
N PRO B 228 -7.00 5.53 -0.39
CA PRO B 228 -8.08 4.83 0.34
C PRO B 228 -7.55 4.02 1.52
N ARG B 229 -8.40 3.70 2.47
CA ARG B 229 -7.94 2.87 3.58
C ARG B 229 -9.13 2.12 4.17
N GLU B 230 -8.83 1.01 4.83
CA GLU B 230 -9.84 0.26 5.55
C GLU B 230 -10.28 1.05 6.78
N VAL B 231 -11.60 1.16 6.95
CA VAL B 231 -12.17 1.75 8.15
C VAL B 231 -13.11 0.72 8.79
N TRP B 232 -13.59 1.07 9.98
CA TRP B 232 -14.48 0.22 10.75
C TRP B 232 -15.72 1.01 11.11
N LEU B 233 -16.90 0.43 10.86
CA LEU B 233 -18.16 1.15 10.90
C LEU B 233 -19.11 0.51 11.91
N LEU B 234 -19.82 1.36 12.64
CA LEU B 234 -20.90 0.95 13.52
C LEU B 234 -22.17 1.68 13.12
N GLU B 235 -23.28 0.96 13.05
CA GLU B 235 -24.59 1.56 12.84
C GLU B 235 -24.96 2.37 14.07
N THR B 236 -25.71 3.46 13.85
CA THR B 236 -26.01 4.38 14.94
C THR B 236 -27.24 5.20 14.59
N PRO B 237 -27.99 5.68 15.58
CA PRO B 237 -28.97 6.74 15.29
C PRO B 237 -28.24 8.04 14.95
N GLN B 238 -28.93 8.92 14.23
CA GLN B 238 -28.32 10.19 13.88
C GLN B 238 -27.92 10.95 15.13
N ALA B 239 -26.85 11.75 15.03
CA ALA B 239 -26.39 12.53 16.17
C ALA B 239 -27.53 13.39 16.73
N ASP B 240 -27.49 13.64 18.04
CA ASP B 240 -28.55 14.42 18.68
C ASP B 240 -28.61 15.85 18.17
N ASP B 241 -27.51 16.37 17.64
CA ASP B 241 -27.47 17.73 17.13
C ASP B 241 -27.77 17.80 15.64
N PHE B 242 -28.20 16.71 15.03
CA PHE B 242 -28.58 16.71 13.63
C PHE B 242 -30.05 16.35 13.45
N TRP B 243 -30.78 17.20 12.72
CA TRP B 243 -32.08 16.84 12.17
C TRP B 243 -32.31 17.80 11.00
N CYS B 244 -33.31 17.49 10.20
CA CYS B 244 -33.58 18.21 8.96
C CYS B 244 -35.07 18.48 8.88
N GLU B 245 -35.43 19.72 8.51
CA GLU B 245 -36.80 20.19 8.42
C GLU B 245 -36.99 20.80 7.04
N GLY B 246 -38.21 20.71 6.52
CA GLY B 246 -38.51 21.30 5.25
C GLY B 246 -38.64 22.81 5.34
N GLU B 247 -38.33 23.48 4.23
CA GLU B 247 -38.67 24.88 4.07
C GLU B 247 -39.13 25.12 2.64
N PRO B 248 -39.88 26.20 2.40
CA PRO B 248 -40.45 26.45 1.06
C PRO B 248 -39.38 26.53 -0.03
N TYR B 249 -39.72 25.94 -1.19
CA TYR B 249 -38.89 25.99 -2.38
C TYR B 249 -39.25 27.21 -3.19
N PRO B 250 -38.31 28.09 -3.53
CA PRO B 250 -38.64 29.33 -4.25
C PRO B 250 -38.38 29.29 -5.75
N GLY B 251 -38.02 28.14 -6.32
CA GLY B 251 -37.50 28.06 -7.66
C GLY B 251 -38.58 27.75 -8.65
N PRO B 252 -38.23 27.65 -9.93
CA PRO B 252 -39.20 27.24 -10.95
C PRO B 252 -39.88 25.94 -10.55
N LYS B 253 -41.19 25.88 -10.75
CA LYS B 253 -41.97 24.70 -10.43
C LYS B 253 -41.78 23.60 -11.47
N VAL B 254 -41.76 22.37 -10.97
CA VAL B 254 -41.51 21.21 -11.80
C VAL B 254 -42.81 20.46 -11.95
N LEU B 255 -43.13 20.07 -13.17
CA LEU B 255 -44.30 19.28 -13.51
C LEU B 255 -43.85 18.05 -14.27
N PRO B 256 -44.70 17.01 -14.35
CA PRO B 256 -44.31 15.80 -15.10
C PRO B 256 -43.89 16.11 -16.55
N ALA C 7 -17.76 -17.42 -21.92
CA ALA C 7 -17.81 -17.11 -20.49
C ALA C 7 -16.68 -17.78 -19.72
N SER C 8 -16.05 -17.05 -18.80
CA SER C 8 -14.94 -17.61 -18.04
C SER C 8 -15.40 -18.70 -17.08
N LEU C 9 -14.47 -19.54 -16.68
CA LEU C 9 -14.82 -20.60 -15.74
C LEU C 9 -15.34 -20.02 -14.43
N ILE C 10 -14.76 -18.91 -13.97
CA ILE C 10 -15.21 -18.35 -12.69
C ILE C 10 -16.58 -17.72 -12.83
N GLN C 11 -16.89 -17.18 -14.00
CA GLN C 11 -18.25 -16.70 -14.25
C GLN C 11 -19.23 -17.85 -14.25
N ARG C 12 -18.86 -18.98 -14.86
CA ARG C 12 -19.77 -20.12 -14.90
C ARG C 12 -20.00 -20.70 -13.53
N ILE C 13 -18.96 -20.69 -12.67
CA ILE C 13 -19.12 -21.14 -11.29
C ILE C 13 -20.13 -20.26 -10.57
N ALA C 14 -19.95 -18.94 -10.67
CA ALA C 14 -20.88 -18.02 -10.03
C ALA C 14 -22.31 -18.27 -10.49
N ARG C 15 -22.53 -18.48 -11.79
CA ARG C 15 -23.88 -18.74 -12.27
C ARG C 15 -24.39 -20.07 -11.74
N GLN C 16 -23.57 -21.09 -11.74
CA GLN C 16 -24.03 -22.37 -11.22
C GLN C 16 -24.29 -22.29 -9.71
N ALA C 17 -23.51 -21.48 -9.00
CA ALA C 17 -23.75 -21.30 -7.57
C ALA C 17 -25.08 -20.62 -7.33
N CYS C 18 -25.41 -19.63 -8.15
CA CYS C 18 -26.69 -18.95 -7.98
C CYS C 18 -27.87 -19.91 -8.18
N LEU C 19 -27.76 -20.81 -9.16
CA LEU C 19 -28.83 -21.78 -9.37
C LEU C 19 -28.91 -22.79 -8.24
N THR C 20 -27.74 -23.26 -7.76
CA THR C 20 -27.73 -24.27 -6.71
C THR C 20 -28.28 -23.74 -5.40
N PHE C 21 -27.93 -22.51 -5.05
CA PHE C 21 -28.35 -21.94 -3.78
C PHE C 21 -29.35 -20.79 -4.00
N GLY C 30 -36.25 -26.00 3.33
CA GLY C 30 -36.15 -27.41 3.02
C GLY C 30 -35.19 -27.70 1.87
N PRO C 31 -35.17 -28.97 1.42
CA PRO C 31 -34.29 -29.33 0.28
C PRO C 31 -34.97 -29.22 -1.07
N ALA C 32 -34.42 -28.38 -1.96
CA ALA C 32 -34.97 -28.28 -3.31
C ALA C 32 -34.89 -29.63 -4.02
N PRO C 33 -35.77 -29.89 -4.97
CA PRO C 33 -35.75 -31.21 -5.62
C PRO C 33 -34.45 -31.47 -6.37
N GLY C 34 -34.00 -30.50 -7.16
CA GLY C 34 -32.78 -30.63 -7.92
C GLY C 34 -31.51 -30.20 -7.21
N PHE C 35 -31.57 -29.99 -5.91
CA PHE C 35 -30.39 -29.50 -5.20
C PHE C 35 -29.22 -30.46 -5.32
N PRO C 36 -29.38 -31.77 -5.09
CA PRO C 36 -28.21 -32.67 -5.18
C PRO C 36 -27.54 -32.63 -6.54
N GLU C 37 -28.32 -32.64 -7.62
CA GLU C 37 -27.74 -32.54 -8.96
C GLU C 37 -27.04 -31.21 -9.17
N ASN C 38 -27.66 -30.11 -8.72
CA ASN C 38 -27.02 -28.81 -8.85
C ASN C 38 -25.72 -28.76 -8.07
N LEU C 39 -25.70 -29.36 -6.87
CA LEU C 39 -24.48 -29.32 -6.07
C LEU C 39 -23.37 -30.09 -6.76
N SER C 40 -23.67 -31.27 -7.31
CA SER C 40 -22.64 -32.08 -7.95
C SER C 40 -22.10 -31.37 -9.18
N LEU C 41 -22.95 -30.64 -9.91
CA LEU C 41 -22.47 -29.87 -11.06
C LEU C 41 -21.57 -28.71 -10.62
N LEU C 42 -21.92 -28.05 -9.52
CA LEU C 42 -21.05 -27.01 -8.98
C LEU C 42 -19.70 -27.61 -8.59
N LYS C 43 -19.71 -28.76 -7.90
CA LYS C 43 -18.44 -29.41 -7.55
C LYS C 43 -17.64 -29.82 -8.78
N SER C 44 -18.32 -30.26 -9.83
CA SER C 44 -17.64 -30.55 -11.09
C SER C 44 -16.95 -29.31 -11.65
N LEU C 45 -17.62 -28.17 -11.68
CA LEU C 45 -16.99 -26.94 -12.14
C LEU C 45 -15.81 -26.55 -11.26
N LEU C 46 -15.99 -26.58 -9.94
CA LEU C 46 -14.90 -26.24 -9.03
C LEU C 46 -13.70 -27.16 -9.22
N THR C 47 -13.94 -28.44 -9.53
CA THR C 47 -12.84 -29.38 -9.75
C THR C 47 -11.91 -28.92 -10.85
N GLN C 48 -12.42 -28.14 -11.81
CA GLN C 48 -11.63 -27.72 -12.96
C GLN C 48 -10.84 -26.45 -12.72
N VAL C 49 -11.04 -25.75 -11.60
CA VAL C 49 -10.43 -24.44 -11.44
C VAL C 49 -8.92 -24.59 -11.22
N ARG C 50 -8.15 -23.73 -11.87
CA ARG C 50 -6.71 -23.66 -11.70
C ARG C 50 -6.37 -22.22 -11.36
N ALA C 51 -5.24 -22.06 -10.66
CA ALA C 51 -4.79 -20.73 -10.29
C ALA C 51 -4.77 -19.78 -11.49
N GLU C 52 -4.33 -20.26 -12.65
CA GLU C 52 -4.22 -19.38 -13.82
C GLU C 52 -5.59 -18.91 -14.30
N ASP C 53 -6.65 -19.68 -14.03
CA ASP C 53 -7.98 -19.20 -14.38
C ASP C 53 -8.40 -17.96 -13.61
N LEU C 54 -7.73 -17.64 -12.50
CA LEU C 54 -8.02 -16.46 -11.72
C LEU C 54 -6.91 -15.42 -11.82
N ASN C 55 -5.93 -15.64 -12.69
CA ASN C 55 -4.78 -14.75 -12.85
C ASN C 55 -4.02 -14.57 -11.54
N ILE C 56 -3.87 -15.67 -10.79
CA ILE C 56 -3.23 -15.67 -9.48
C ILE C 56 -1.98 -16.54 -9.59
N ALA C 57 -0.82 -15.91 -9.64
CA ALA C 57 0.43 -16.66 -9.69
C ALA C 57 0.68 -17.33 -8.34
N PRO C 58 1.15 -18.57 -8.33
CA PRO C 58 1.55 -19.20 -7.06
C PRO C 58 2.52 -18.30 -6.32
N ARG C 59 2.35 -18.22 -5.01
CA ARG C 59 3.16 -17.33 -4.18
C ARG C 59 4.20 -18.13 -3.42
N LYS C 60 5.43 -17.65 -3.44
CA LYS C 60 6.51 -18.24 -2.69
C LYS C 60 6.64 -17.54 -1.35
N ALA C 61 7.16 -18.27 -0.36
CA ALA C 61 7.29 -17.75 1.00
C ALA C 61 8.03 -16.41 1.02
N LEU C 62 7.46 -15.47 1.76
CA LEU C 62 8.12 -14.19 1.99
C LEU C 62 9.24 -14.35 3.01
N PRO C 63 10.14 -13.36 3.10
CA PRO C 63 11.13 -13.39 4.19
C PRO C 63 10.45 -13.57 5.54
N GLN C 64 10.96 -14.56 6.32
CA GLN C 64 10.48 -14.75 7.69
C GLN C 64 11.44 -14.12 8.68
N PRO C 65 10.96 -13.73 9.88
CA PRO C 65 9.57 -13.83 10.33
C PRO C 65 8.67 -12.75 9.71
N LEU C 66 7.39 -13.03 9.55
CA LEU C 66 6.48 -12.03 9.03
C LEU C 66 6.30 -10.89 10.04
N PRO C 67 6.26 -9.63 9.58
CA PRO C 67 6.05 -8.53 10.53
C PRO C 67 4.79 -8.73 11.34
N ARG C 68 4.76 -8.13 12.54
CA ARG C 68 3.65 -8.34 13.46
C ARG C 68 2.35 -7.74 12.94
N ASN C 69 2.43 -6.68 12.14
CA ASN C 69 1.24 -5.97 11.66
C ASN C 69 0.84 -6.34 10.23
N LEU C 70 1.50 -7.32 9.61
CA LEU C 70 1.07 -7.79 8.29
C LEU C 70 0.06 -8.91 8.46
N PRO C 71 -1.05 -8.90 7.72
CA PRO C 71 -2.08 -9.92 7.93
C PRO C 71 -1.53 -11.29 7.61
N PRO C 72 -1.77 -12.30 8.46
CA PRO C 72 -1.39 -13.68 8.10
C PRO C 72 -2.18 -14.24 6.93
N VAL C 73 -3.40 -13.78 6.71
CA VAL C 73 -4.29 -14.28 5.66
C VAL C 73 -4.96 -13.09 4.98
N THR C 74 -5.14 -13.18 3.67
CA THR C 74 -5.84 -12.13 2.92
C THR C 74 -6.94 -12.79 2.09
N TYR C 75 -7.85 -11.93 1.63
CA TYR C 75 -9.07 -12.38 0.97
C TYR C 75 -9.30 -11.55 -0.28
N MET C 76 -9.52 -12.23 -1.39
CA MET C 76 -9.89 -11.61 -2.64
C MET C 76 -11.38 -11.85 -2.86
N HIS C 77 -12.17 -10.78 -2.78
CA HIS C 77 -13.59 -10.90 -3.05
C HIS C 77 -13.81 -11.03 -4.55
N ILE C 78 -14.62 -12.02 -4.94
CA ILE C 78 -15.00 -12.21 -6.33
C ILE C 78 -16.46 -11.82 -6.56
N TYR C 79 -17.37 -12.33 -5.73
CA TYR C 79 -18.78 -12.09 -5.97
C TYR C 79 -19.54 -12.54 -4.75
N GLU C 80 -20.60 -11.80 -4.41
CA GLU C 80 -21.44 -12.21 -3.30
C GLU C 80 -22.87 -11.74 -3.55
N THR C 81 -23.81 -12.61 -3.24
CA THR C 81 -25.23 -12.30 -3.32
C THR C 81 -25.87 -12.59 -1.95
N GLU C 82 -27.20 -12.53 -1.90
CA GLU C 82 -27.90 -12.99 -0.69
C GLU C 82 -27.85 -14.50 -0.54
N GLY C 83 -27.48 -15.22 -1.60
CA GLY C 83 -27.48 -16.66 -1.59
C GLY C 83 -26.13 -17.31 -1.38
N PHE C 84 -25.04 -16.66 -1.78
CA PHE C 84 -23.73 -17.29 -1.65
C PHE C 84 -22.63 -16.26 -1.75
N SER C 85 -21.44 -16.62 -1.26
CA SER C 85 -20.26 -15.77 -1.39
C SER C 85 -19.18 -16.57 -2.11
N LEU C 86 -18.32 -15.85 -2.83
CA LEU C 86 -17.31 -16.47 -3.67
C LEU C 86 -16.04 -15.63 -3.60
N GLY C 87 -14.94 -16.25 -3.19
CA GLY C 87 -13.71 -15.52 -3.08
C GLY C 87 -12.53 -16.44 -2.81
N VAL C 88 -11.34 -15.84 -2.74
CA VAL C 88 -10.10 -16.58 -2.57
C VAL C 88 -9.46 -16.17 -1.26
N PHE C 89 -8.99 -17.16 -0.51
CA PHE C 89 -8.24 -16.93 0.71
C PHE C 89 -6.80 -17.31 0.43
N LEU C 90 -5.89 -16.42 0.79
CA LEU C 90 -4.47 -16.59 0.52
C LEU C 90 -3.75 -16.65 1.85
N LEU C 91 -3.26 -17.83 2.22
CA LEU C 91 -2.55 -18.02 3.48
C LEU C 91 -1.05 -17.84 3.29
N LYS C 92 -0.45 -16.99 4.10
CA LYS C 92 0.99 -16.88 4.10
C LYS C 92 1.60 -18.11 4.78
N SER C 93 2.91 -18.26 4.60
CA SER C 93 3.63 -19.41 5.15
C SER C 93 3.47 -19.46 6.65
N GLY C 94 3.12 -20.63 7.16
CA GLY C 94 3.08 -20.86 8.59
C GLY C 94 1.80 -20.46 9.25
N THR C 95 0.79 -20.04 8.47
CA THR C 95 -0.42 -19.46 9.03
C THR C 95 -1.53 -20.49 8.99
N CYS C 96 -2.68 -20.12 9.54
CA CYS C 96 -3.86 -20.96 9.44
C CYS C 96 -5.09 -20.08 9.60
N ILE C 97 -6.22 -20.56 9.09
CA ILE C 97 -7.53 -20.07 9.48
C ILE C 97 -8.02 -20.94 10.64
N PRO C 98 -8.08 -20.45 11.86
CA PRO C 98 -8.33 -21.34 13.01
C PRO C 98 -9.75 -21.89 13.00
N LEU C 99 -9.92 -23.01 13.71
CA LEU C 99 -11.19 -23.71 13.85
C LEU C 99 -12.39 -22.79 13.98
N HIS C 100 -13.36 -23.00 13.09
CA HIS C 100 -14.57 -22.19 13.03
C HIS C 100 -15.67 -23.01 12.37
N ASP C 101 -16.90 -22.53 12.52
CA ASP C 101 -18.07 -23.23 12.02
C ASP C 101 -18.67 -22.49 10.84
N HIS C 102 -19.72 -23.07 10.27
CA HIS C 102 -20.45 -22.48 9.14
C HIS C 102 -21.91 -22.78 9.35
N PRO C 103 -22.54 -22.16 10.36
CA PRO C 103 -23.85 -22.65 10.83
C PRO C 103 -24.92 -22.53 9.75
N GLY C 104 -25.59 -23.65 9.47
CA GLY C 104 -26.65 -23.68 8.49
C GLY C 104 -26.18 -23.40 7.08
N MET C 105 -24.92 -23.67 6.78
CA MET C 105 -24.31 -23.31 5.51
C MET C 105 -23.71 -24.53 4.84
N HIS C 106 -23.73 -24.51 3.51
CA HIS C 106 -22.91 -25.38 2.67
C HIS C 106 -21.62 -24.64 2.33
N GLY C 107 -20.54 -25.40 2.16
CA GLY C 107 -19.27 -24.83 1.80
C GLY C 107 -18.52 -25.70 0.82
N MET C 108 -17.78 -25.11 -0.11
CA MET C 108 -16.94 -25.86 -1.04
C MET C 108 -15.67 -25.05 -1.24
N LEU C 109 -14.53 -25.73 -1.28
CA LEU C 109 -13.29 -25.02 -1.53
C LEU C 109 -12.35 -25.85 -2.40
N LYS C 110 -11.48 -25.15 -3.11
CA LYS C 110 -10.58 -25.77 -4.05
C LYS C 110 -9.22 -25.13 -3.90
N VAL C 111 -8.21 -25.95 -3.62
CA VAL C 111 -6.85 -25.44 -3.45
C VAL C 111 -6.28 -25.02 -4.79
N LEU C 112 -5.76 -23.80 -4.84
CA LEU C 112 -5.21 -23.22 -6.06
C LEU C 112 -3.71 -23.44 -6.14
N TYR C 113 -3.00 -23.24 -5.03
CA TYR C 113 -1.58 -23.55 -4.99
C TYR C 113 -1.23 -23.87 -3.54
N GLY C 114 -0.07 -24.50 -3.37
CA GLY C 114 0.40 -24.88 -2.05
C GLY C 114 -0.34 -26.09 -1.51
N THR C 115 -0.11 -26.35 -0.22
CA THR C 115 -0.69 -27.47 0.49
C THR C 115 -1.32 -26.94 1.77
N VAL C 116 -2.55 -27.36 2.04
CA VAL C 116 -3.22 -27.05 3.29
C VAL C 116 -3.65 -28.35 3.96
N ARG C 117 -3.54 -28.39 5.28
CA ARG C 117 -4.14 -29.43 6.10
C ARG C 117 -5.50 -28.95 6.58
N ILE C 118 -6.54 -29.73 6.32
CA ILE C 118 -7.89 -29.41 6.76
C ILE C 118 -8.30 -30.41 7.82
N SER C 119 -8.60 -29.91 9.02
CA SER C 119 -9.14 -30.71 10.11
C SER C 119 -10.63 -30.45 10.14
N CYS C 120 -11.42 -31.53 10.00
CA CYS C 120 -12.87 -31.44 9.87
C CYS C 120 -13.54 -31.99 11.11
N MET C 121 -14.49 -31.23 11.66
CA MET C 121 -15.16 -31.60 12.89
C MET C 121 -16.65 -31.31 12.81
N ASP C 122 -17.38 -31.83 13.79
CA ASP C 122 -18.79 -31.53 13.96
C ASP C 122 -19.09 -31.35 15.44
N LYS C 123 -19.93 -30.37 15.75
CA LYS C 123 -20.43 -30.17 17.09
C LYS C 123 -21.67 -31.04 17.25
N LEU C 124 -21.71 -31.84 18.29
CA LEU C 124 -22.87 -32.66 18.54
C LEU C 124 -24.01 -31.85 19.16
N ASP C 125 -25.24 -32.20 18.78
CA ASP C 125 -26.43 -31.61 19.38
C ASP C 125 -26.53 -31.98 20.85
N THR C 126 -26.74 -30.97 21.69
CA THR C 126 -26.86 -31.17 23.13
C THR C 126 -28.15 -30.58 23.70
N GLY C 127 -29.17 -30.38 22.86
CA GLY C 127 -30.42 -29.80 23.34
C GLY C 127 -31.14 -30.68 24.34
N ALA C 128 -30.86 -31.98 24.33
CA ALA C 128 -31.46 -32.89 25.29
C ALA C 128 -30.76 -32.83 26.66
N GLY C 129 -29.60 -32.18 26.75
CA GLY C 129 -28.90 -32.00 28.00
C GLY C 129 -27.98 -33.13 28.41
N HIS C 130 -27.32 -32.90 29.56
CA HIS C 130 -26.59 -33.91 30.31
C HIS C 130 -25.29 -34.30 29.61
N ARG C 131 -24.69 -33.38 28.87
CA ARG C 131 -23.47 -33.68 28.13
C ARG C 131 -22.24 -32.96 28.66
N ARG C 132 -22.22 -32.66 29.94
N ARG C 132 -22.21 -32.65 29.94
CA ARG C 132 -21.00 -32.20 30.57
CA ARG C 132 -20.97 -32.15 30.51
C ARG C 132 -19.97 -33.32 30.46
C ARG C 132 -19.96 -33.30 30.59
N PRO C 133 -18.68 -33.00 30.57
CA PRO C 133 -17.66 -34.06 30.66
C PRO C 133 -17.85 -34.84 31.97
N PRO C 134 -17.27 -36.04 32.08
CA PRO C 134 -17.19 -36.70 33.40
C PRO C 134 -16.54 -35.78 34.41
N PRO C 135 -17.19 -35.53 35.56
CA PRO C 135 -16.61 -34.56 36.49
C PRO C 135 -15.19 -34.90 36.88
N GLU C 136 -14.85 -36.18 36.90
CA GLU C 136 -13.52 -36.62 37.33
C GLU C 136 -12.52 -36.63 36.18
N GLN C 137 -12.95 -36.30 34.98
CA GLN C 137 -12.03 -36.24 33.85
C GLN C 137 -11.32 -34.89 33.86
N GLN C 138 -10.00 -34.92 33.83
CA GLN C 138 -9.17 -33.73 33.84
C GLN C 138 -8.74 -33.36 32.43
N PHE C 139 -8.36 -32.10 32.25
CA PHE C 139 -7.98 -31.55 30.97
C PHE C 139 -6.65 -30.84 31.13
N GLU C 140 -5.92 -30.75 30.02
CA GLU C 140 -4.64 -30.03 29.95
C GLU C 140 -4.71 -29.00 28.83
N PRO C 141 -4.72 -27.68 29.15
CA PRO C 141 -4.65 -27.10 30.51
C PRO C 141 -5.94 -27.35 31.30
N PRO C 142 -5.83 -27.43 32.63
CA PRO C 142 -7.03 -27.65 33.44
C PRO C 142 -8.11 -26.64 33.06
N LEU C 143 -9.36 -27.09 33.14
CA LEU C 143 -10.51 -26.26 32.79
C LEU C 143 -10.96 -25.48 34.01
N GLN C 144 -11.20 -24.18 33.80
CA GLN C 144 -11.84 -23.36 34.80
C GLN C 144 -13.29 -23.79 34.98
N PRO C 145 -13.87 -23.56 36.16
CA PRO C 145 -15.25 -24.02 36.39
C PRO C 145 -16.25 -23.57 35.33
N LEU C 146 -16.16 -22.32 34.87
CA LEU C 146 -17.07 -21.84 33.85
C LEU C 146 -16.73 -22.41 32.47
N GLU C 147 -15.45 -22.69 32.22
CA GLU C 147 -15.08 -23.38 30.99
C GLU C 147 -15.69 -24.78 30.94
N ARG C 148 -15.64 -25.50 32.06
CA ARG C 148 -16.27 -26.83 32.13
C ARG C 148 -17.78 -26.75 31.93
N GLU C 149 -18.42 -25.70 32.45
CA GLU C 149 -19.86 -25.56 32.25
C GLU C 149 -20.21 -25.28 30.79
N ALA C 150 -19.30 -24.66 30.03
CA ALA C 150 -19.60 -24.26 28.67
C ALA C 150 -19.13 -25.25 27.61
N VAL C 151 -18.19 -26.13 27.95
CA VAL C 151 -17.59 -26.98 26.94
C VAL C 151 -18.65 -27.92 26.36
N ARG C 152 -18.60 -28.14 25.05
CA ARG C 152 -19.56 -28.95 24.35
C ARG C 152 -18.89 -30.07 23.58
N PRO C 153 -19.51 -31.24 23.50
CA PRO C 153 -18.87 -32.35 22.81
C PRO C 153 -18.96 -32.22 21.30
N GLY C 154 -17.95 -32.78 20.63
CA GLY C 154 -17.92 -32.83 19.18
C GLY C 154 -17.15 -34.05 18.76
N VAL C 155 -17.01 -34.20 17.45
CA VAL C 155 -16.26 -35.31 16.86
C VAL C 155 -15.31 -34.73 15.83
N LEU C 156 -14.01 -34.97 16.02
CA LEU C 156 -13.00 -34.71 14.99
C LEU C 156 -13.07 -35.84 13.98
N ARG C 157 -13.50 -35.52 12.76
CA ARG C 157 -13.84 -36.55 11.78
C ARG C 157 -12.68 -36.88 10.84
N SER C 158 -11.84 -35.90 10.48
CA SER C 158 -10.74 -36.15 9.57
C SER C 158 -9.69 -35.05 9.66
N ARG C 159 -8.50 -35.37 9.15
CA ARG C 159 -7.37 -34.44 9.22
C ARG C 159 -6.43 -34.89 8.09
N ALA C 160 -6.53 -34.21 6.95
CA ALA C 160 -5.83 -34.63 5.74
C ALA C 160 -5.25 -33.42 5.05
N GLU C 161 -4.28 -33.67 4.17
CA GLU C 161 -3.65 -32.61 3.40
C GLU C 161 -4.25 -32.55 1.99
N TYR C 162 -4.39 -31.33 1.46
CA TYR C 162 -5.08 -31.11 0.19
C TYR C 162 -4.22 -30.19 -0.68
N THR C 163 -4.07 -30.56 -1.94
CA THR C 163 -3.30 -29.76 -2.88
C THR C 163 -4.20 -29.39 -4.05
N GLU C 164 -3.61 -28.76 -5.07
CA GLU C 164 -4.35 -28.41 -6.28
C GLU C 164 -4.80 -29.65 -7.05
N ALA C 165 -4.18 -30.81 -6.80
CA ALA C 165 -4.59 -32.06 -7.43
C ALA C 165 -5.74 -32.73 -6.68
N SER C 166 -6.06 -32.27 -5.48
CA SER C 166 -7.12 -32.87 -4.70
C SER C 166 -8.48 -32.39 -5.19
N GLY C 167 -9.50 -33.20 -4.95
CA GLY C 167 -10.84 -32.79 -5.28
C GLY C 167 -11.31 -31.69 -4.37
N PRO C 168 -12.43 -31.06 -4.71
CA PRO C 168 -12.96 -30.02 -3.84
C PRO C 168 -13.28 -30.58 -2.47
N CYS C 169 -13.02 -29.79 -1.43
N CYS C 169 -13.03 -29.77 -1.44
CA CYS C 169 -13.42 -30.13 -0.06
CA CYS C 169 -13.43 -30.09 -0.07
C CYS C 169 -14.77 -29.49 0.25
C CYS C 169 -14.80 -29.49 0.21
N VAL C 170 -15.74 -30.33 0.61
CA VAL C 170 -17.13 -29.92 0.79
C VAL C 170 -17.57 -30.08 2.25
N LEU C 171 -18.41 -29.17 2.69
CA LEU C 171 -19.04 -29.28 3.99
C LEU C 171 -20.50 -28.89 3.84
N THR C 172 -21.32 -29.37 4.77
CA THR C 172 -22.76 -29.15 4.77
C THR C 172 -23.13 -28.61 6.15
N PRO C 173 -24.38 -28.24 6.38
CA PRO C 173 -24.76 -27.81 7.75
C PRO C 173 -24.62 -28.90 8.80
N HIS C 174 -24.68 -30.18 8.42
CA HIS C 174 -24.73 -31.27 9.37
C HIS C 174 -23.52 -32.20 9.30
N ARG C 175 -22.57 -31.95 8.40
CA ARG C 175 -21.41 -32.82 8.27
C ARG C 175 -20.18 -31.98 8.00
N ASP C 176 -19.14 -32.18 8.80
CA ASP C 176 -17.87 -31.44 8.69
C ASP C 176 -18.04 -29.93 8.76
N ASN C 177 -19.01 -29.48 9.56
CA ASN C 177 -19.35 -28.07 9.56
C ASN C 177 -18.30 -27.20 10.25
N LEU C 178 -17.42 -27.80 11.04
CA LEU C 178 -16.30 -27.09 11.64
C LEU C 178 -15.01 -27.53 10.98
N HIS C 179 -14.16 -26.59 10.62
CA HIS C 179 -12.85 -26.99 10.15
C HIS C 179 -11.83 -25.91 10.45
N GLN C 180 -10.58 -26.34 10.41
CA GLN C 180 -9.41 -25.49 10.54
C GLN C 180 -8.56 -25.77 9.31
N ILE C 181 -7.90 -24.73 8.78
CA ILE C 181 -7.09 -24.83 7.56
C ILE C 181 -5.68 -24.33 7.87
N ASP C 182 -4.69 -25.20 7.80
CA ASP C 182 -3.30 -24.85 8.08
C ASP C 182 -2.54 -24.86 6.76
N ALA C 183 -1.77 -23.80 6.51
CA ALA C 183 -0.81 -23.80 5.42
C ALA C 183 0.33 -24.76 5.77
N VAL C 184 0.68 -25.64 4.83
CA VAL C 184 1.68 -26.66 5.06
C VAL C 184 2.85 -26.39 4.13
N ASP C 185 4.04 -26.19 4.72
CA ASP C 185 5.29 -26.05 3.99
C ASP C 185 5.22 -24.95 2.92
N GLY C 186 4.83 -23.75 3.35
CA GLY C 186 4.81 -22.61 2.48
C GLY C 186 3.43 -21.99 2.32
N PRO C 187 3.34 -20.95 1.51
CA PRO C 187 2.04 -20.30 1.30
C PRO C 187 1.07 -21.22 0.58
N ALA C 188 -0.21 -20.88 0.68
CA ALA C 188 -1.27 -21.64 0.03
C ALA C 188 -2.46 -20.75 -0.21
N ALA C 189 -3.33 -21.16 -1.13
CA ALA C 189 -4.51 -20.38 -1.45
C ALA C 189 -5.62 -21.31 -1.92
N PHE C 190 -6.84 -20.89 -1.66
CA PHE C 190 -8.00 -21.64 -2.11
C PHE C 190 -9.15 -20.73 -2.49
N LEU C 191 -9.94 -21.22 -3.45
CA LEU C 191 -11.22 -20.61 -3.82
C LEU C 191 -12.28 -21.20 -2.93
N ASP C 192 -13.07 -20.34 -2.31
CA ASP C 192 -14.09 -20.76 -1.35
C ASP C 192 -15.47 -20.30 -1.79
N ILE C 193 -16.47 -21.19 -1.65
CA ILE C 193 -17.88 -20.89 -1.85
C ILE C 193 -18.64 -21.22 -0.57
N LEU C 194 -19.38 -20.25 -0.05
CA LEU C 194 -20.24 -20.42 1.11
C LEU C 194 -21.67 -20.02 0.76
N ALA C 195 -22.63 -20.78 1.27
CA ALA C 195 -24.03 -20.52 0.96
C ALA C 195 -24.94 -21.05 2.06
N PRO C 196 -25.81 -20.21 2.63
CA PRO C 196 -25.82 -18.74 2.44
C PRO C 196 -24.51 -18.12 3.01
N PRO C 197 -24.23 -16.86 2.69
CA PRO C 197 -23.07 -16.20 3.28
C PRO C 197 -23.28 -16.02 4.78
N TYR C 198 -22.19 -15.81 5.51
CA TYR C 198 -22.29 -15.39 6.91
C TYR C 198 -23.08 -14.11 6.98
N ASP C 199 -23.93 -13.98 8.03
CA ASP C 199 -24.81 -12.83 8.23
C ASP C 199 -25.20 -12.80 9.70
N PRO C 200 -24.44 -12.11 10.55
CA PRO C 200 -24.78 -12.08 11.98
C PRO C 200 -26.21 -11.65 12.30
N GLU C 201 -26.78 -10.75 11.50
CA GLU C 201 -28.17 -10.36 11.70
C GLU C 201 -29.09 -11.58 11.70
N ASP C 202 -28.92 -12.49 10.74
CA ASP C 202 -29.73 -13.68 10.61
C ASP C 202 -29.23 -14.84 11.46
N GLY C 203 -28.44 -14.55 12.49
CA GLY C 203 -27.93 -15.58 13.37
C GLY C 203 -26.92 -16.50 12.75
N ARG C 204 -26.25 -16.07 11.68
CA ARG C 204 -25.21 -16.88 11.04
C ARG C 204 -23.87 -16.17 11.26
N ASP C 205 -23.34 -16.32 12.46
CA ASP C 205 -22.04 -15.78 12.81
C ASP C 205 -20.97 -16.80 12.44
N CYS C 206 -19.77 -16.29 12.19
CA CYS C 206 -18.58 -17.12 12.04
C CYS C 206 -17.94 -17.25 13.42
N HIS C 207 -18.28 -18.34 14.13
CA HIS C 207 -17.77 -18.59 15.48
C HIS C 207 -16.52 -19.45 15.41
N TYR C 208 -15.55 -19.14 16.28
CA TYR C 208 -14.28 -19.86 16.39
C TYR C 208 -14.30 -20.73 17.65
N TYR C 209 -13.54 -21.81 17.61
CA TYR C 209 -13.54 -22.79 18.69
C TYR C 209 -12.12 -23.26 18.98
N ARG C 210 -11.89 -23.65 20.22
CA ARG C 210 -10.66 -24.32 20.57
C ARG C 210 -10.99 -25.70 21.12
N VAL C 211 -10.13 -26.66 20.86
CA VAL C 211 -10.25 -28.00 21.39
C VAL C 211 -9.54 -28.04 22.74
N VAL C 212 -10.20 -28.59 23.75
CA VAL C 212 -9.57 -28.91 25.03
C VAL C 212 -9.42 -30.42 25.11
N GLU C 213 -8.19 -30.89 25.31
CA GLU C 213 -7.89 -32.31 25.26
C GLU C 213 -8.02 -32.91 26.64
N PRO C 214 -8.84 -33.93 26.83
CA PRO C 214 -8.84 -34.65 28.09
C PRO C 214 -7.61 -35.53 28.22
N ILE C 215 -7.05 -35.59 29.43
CA ILE C 215 -5.92 -36.48 29.73
C ILE C 215 -6.48 -37.82 30.20
N ARG C 216 -5.91 -38.90 29.66
CA ARG C 216 -6.40 -40.24 29.93
C ARG C 216 -5.21 -41.18 30.16
N PRO C 217 -5.42 -42.39 30.69
CA PRO C 217 -4.32 -43.31 30.99
C PRO C 217 -3.23 -43.38 29.92
N GLY C 222 1.60 -40.41 24.58
CA GLY C 222 0.72 -39.79 25.54
C GLY C 222 0.03 -38.54 25.04
N SER C 223 -0.27 -38.51 23.74
CA SER C 223 -0.97 -37.39 23.12
C SER C 223 -1.93 -37.94 22.06
N ALA C 224 -3.22 -38.00 22.41
CA ALA C 224 -4.20 -38.67 21.56
C ALA C 224 -4.25 -38.02 20.18
N CYS C 225 -4.47 -38.86 19.15
CA CYS C 225 -4.61 -38.35 17.79
C CYS C 225 -5.43 -39.30 16.92
N ASP C 226 -6.24 -40.16 17.51
CA ASP C 226 -7.12 -41.03 16.73
C ASP C 226 -8.08 -40.24 15.86
N LEU C 227 -8.51 -40.85 14.74
CA LEU C 227 -9.49 -40.28 13.80
C LEU C 227 -10.42 -41.39 13.32
N PRO C 228 -11.75 -41.28 13.55
CA PRO C 228 -12.45 -40.22 14.30
C PRO C 228 -12.12 -40.25 15.79
N ARG C 229 -12.43 -39.16 16.48
CA ARG C 229 -12.15 -39.03 17.91
C ARG C 229 -13.15 -38.08 18.55
N GLU C 230 -13.58 -38.43 19.75
CA GLU C 230 -14.37 -37.49 20.54
C GLU C 230 -13.50 -36.32 20.97
N VAL C 231 -14.01 -35.10 20.81
CA VAL C 231 -13.32 -33.91 21.26
C VAL C 231 -14.28 -33.08 22.10
N TRP C 232 -13.71 -32.08 22.79
CA TRP C 232 -14.45 -31.10 23.57
C TRP C 232 -14.13 -29.72 23.02
N LEU C 233 -15.16 -28.95 22.74
CA LEU C 233 -15.03 -27.71 22.01
C LEU C 233 -15.48 -26.55 22.89
N LEU C 234 -14.72 -25.46 22.83
CA LEU C 234 -15.04 -24.26 23.57
C LEU C 234 -15.10 -23.10 22.57
N GLU C 235 -16.23 -22.41 22.54
CA GLU C 235 -16.32 -21.21 21.73
C GLU C 235 -15.36 -20.16 22.28
N THR C 236 -14.67 -19.46 21.39
CA THR C 236 -13.60 -18.56 21.80
C THR C 236 -13.43 -17.50 20.72
N PRO C 237 -12.88 -16.34 21.06
CA PRO C 237 -12.44 -15.40 20.03
C PRO C 237 -11.32 -16.03 19.20
N GLN C 238 -11.18 -15.55 17.96
CA GLN C 238 -10.10 -16.02 17.10
C GLN C 238 -8.75 -15.82 17.79
N ALA C 239 -7.77 -16.64 17.41
CA ALA C 239 -6.42 -16.55 17.97
C ALA C 239 -5.91 -15.14 17.84
N ASP C 240 -5.17 -14.68 18.87
CA ASP C 240 -4.70 -13.31 18.94
C ASP C 240 -3.89 -12.94 17.70
N ASP C 241 -3.27 -13.92 17.05
CA ASP C 241 -2.35 -13.63 15.96
C ASP C 241 -2.98 -13.87 14.61
N PHE C 242 -4.26 -14.18 14.58
CA PHE C 242 -4.95 -14.39 13.32
C PHE C 242 -5.91 -13.25 13.00
N TRP C 243 -5.86 -12.79 11.75
CA TRP C 243 -6.88 -11.92 11.19
C TRP C 243 -6.74 -12.00 9.68
N CYS C 244 -7.75 -11.51 8.97
CA CYS C 244 -7.78 -11.52 7.52
C CYS C 244 -8.17 -10.15 6.99
N GLU C 245 -7.47 -9.66 5.98
CA GLU C 245 -7.76 -8.39 5.34
C GLU C 245 -8.01 -8.66 3.86
N GLY C 246 -8.74 -7.78 3.19
CA GLY C 246 -8.95 -7.94 1.78
C GLY C 246 -7.76 -7.44 0.98
N GLU C 247 -7.62 -7.97 -0.23
CA GLU C 247 -6.69 -7.48 -1.22
C GLU C 247 -7.35 -7.60 -2.59
N PRO C 248 -6.93 -6.78 -3.56
CA PRO C 248 -7.63 -6.75 -4.85
C PRO C 248 -7.58 -8.11 -5.55
N TYR C 249 -8.68 -8.43 -6.23
CA TYR C 249 -8.81 -9.65 -6.99
C TYR C 249 -8.40 -9.37 -8.43
N PRO C 250 -7.43 -10.11 -8.99
CA PRO C 250 -6.95 -9.83 -10.36
C PRO C 250 -7.58 -10.65 -11.46
N GLY C 251 -8.54 -11.52 -11.15
CA GLY C 251 -9.03 -12.49 -12.10
C GLY C 251 -10.17 -11.96 -12.93
N PRO C 252 -10.73 -12.82 -13.79
CA PRO C 252 -11.91 -12.41 -14.58
C PRO C 252 -13.05 -11.94 -13.69
N LYS C 253 -13.67 -10.83 -14.09
CA LYS C 253 -14.71 -10.23 -13.28
C LYS C 253 -16.05 -10.94 -13.48
N VAL C 254 -16.76 -11.14 -12.39
CA VAL C 254 -18.04 -11.83 -12.39
C VAL C 254 -19.15 -10.79 -12.45
N LEU C 255 -20.11 -11.01 -13.34
CA LEU C 255 -21.25 -10.14 -13.54
C LEU C 255 -22.55 -10.83 -13.14
N PRO C 256 -23.59 -10.06 -12.80
CA PRO C 256 -24.90 -10.69 -12.52
C PRO C 256 -25.41 -11.51 -13.71
N ALA D 7 29.15 -18.61 9.56
CA ALA D 7 28.23 -17.58 9.13
C ALA D 7 27.77 -17.79 7.68
N SER D 8 26.63 -17.23 7.32
CA SER D 8 26.10 -17.37 5.96
C SER D 8 27.10 -16.86 4.92
N LEU D 9 27.12 -17.52 3.77
CA LEU D 9 28.05 -17.11 2.72
C LEU D 9 27.77 -15.69 2.25
N ILE D 10 26.49 -15.37 2.01
CA ILE D 10 26.18 -14.02 1.55
C ILE D 10 26.52 -13.00 2.63
N GLN D 11 26.45 -13.41 3.89
CA GLN D 11 26.87 -12.52 4.99
C GLN D 11 28.36 -12.27 4.95
N ARG D 12 29.15 -13.33 4.78
CA ARG D 12 30.60 -13.18 4.73
C ARG D 12 31.01 -12.35 3.52
N ILE D 13 30.31 -12.53 2.40
CA ILE D 13 30.55 -11.71 1.22
C ILE D 13 30.33 -10.24 1.55
N ALA D 14 29.25 -9.93 2.28
CA ALA D 14 28.95 -8.54 2.61
C ALA D 14 30.00 -7.97 3.55
N ARG D 15 30.41 -8.73 4.56
CA ARG D 15 31.44 -8.24 5.47
C ARG D 15 32.75 -8.02 4.73
N GLN D 16 33.15 -8.99 3.90
CA GLN D 16 34.38 -8.83 3.15
C GLN D 16 34.29 -7.67 2.18
N ALA D 17 33.14 -7.51 1.53
CA ALA D 17 32.99 -6.40 0.59
C ALA D 17 33.12 -5.06 1.30
N CYS D 18 32.50 -4.93 2.46
CA CYS D 18 32.64 -3.70 3.23
C CYS D 18 34.10 -3.43 3.56
N LEU D 19 34.78 -4.45 4.09
CA LEU D 19 36.18 -4.30 4.42
C LEU D 19 37.00 -3.99 3.17
N THR D 20 36.61 -4.54 2.04
CA THR D 20 37.41 -4.35 0.84
C THR D 20 37.33 -2.91 0.34
N PHE D 21 36.13 -2.34 0.31
CA PHE D 21 35.91 -1.10 -0.43
C PHE D 21 35.88 0.12 0.48
N ARG D 22 36.00 -0.05 1.78
CA ARG D 22 36.26 1.10 2.65
C ARG D 22 37.58 1.76 2.26
N GLY D 23 38.58 0.96 1.91
CA GLY D 23 39.85 1.47 1.43
C GLY D 23 40.03 1.27 -0.06
N SER D 24 39.60 2.27 -0.84
CA SER D 24 39.66 2.20 -2.29
C SER D 24 39.89 3.59 -2.85
N SER D 25 40.87 3.71 -3.75
CA SER D 25 41.20 4.99 -4.36
C SER D 25 42.27 4.79 -5.42
N GLY D 30 46.22 6.56 -4.23
CA GLY D 30 46.14 5.20 -4.75
C GLY D 30 45.34 4.25 -3.86
N PRO D 31 45.37 2.95 -4.18
CA PRO D 31 44.60 1.98 -3.39
C PRO D 31 45.28 1.68 -2.05
N ALA D 32 44.43 1.47 -1.04
CA ALA D 32 44.92 1.25 0.31
C ALA D 32 45.76 -0.02 0.39
N PRO D 33 46.60 -0.13 1.43
CA PRO D 33 47.32 -1.39 1.64
C PRO D 33 46.33 -2.54 1.78
N GLY D 34 46.59 -3.63 1.08
CA GLY D 34 45.75 -4.79 1.18
C GLY D 34 44.47 -4.74 0.37
N PHE D 35 44.20 -3.63 -0.30
CA PHE D 35 43.03 -3.61 -1.18
C PHE D 35 43.09 -4.73 -2.22
N PRO D 36 44.22 -4.96 -2.91
CA PRO D 36 44.23 -6.07 -3.89
C PRO D 36 43.97 -7.41 -3.24
N GLU D 37 44.59 -7.67 -2.09
CA GLU D 37 44.35 -8.93 -1.38
C GLU D 37 42.89 -9.05 -0.95
N ASN D 38 42.31 -7.96 -0.45
CA ASN D 38 40.89 -7.98 -0.07
C ASN D 38 40.01 -8.23 -1.28
N LEU D 39 40.35 -7.63 -2.43
CA LEU D 39 39.57 -7.84 -3.64
C LEU D 39 39.65 -9.29 -4.09
N SER D 40 40.84 -9.89 -4.04
CA SER D 40 40.98 -11.29 -4.42
C SER D 40 40.21 -12.20 -3.47
N LEU D 41 40.25 -11.92 -2.17
CA LEU D 41 39.45 -12.68 -1.21
C LEU D 41 37.95 -12.53 -1.50
N LEU D 42 37.50 -11.31 -1.73
CA LEU D 42 36.10 -11.11 -2.07
C LEU D 42 35.73 -11.91 -3.31
N LYS D 43 36.60 -11.91 -4.32
CA LYS D 43 36.30 -12.65 -5.54
C LYS D 43 36.19 -14.14 -5.26
N SER D 44 37.07 -14.68 -4.42
CA SER D 44 37.02 -16.10 -4.10
C SER D 44 35.73 -16.46 -3.39
N LEU D 45 35.26 -15.58 -2.50
CA LEU D 45 33.98 -15.82 -1.84
C LEU D 45 32.81 -15.71 -2.81
N LEU D 46 32.90 -14.82 -3.79
CA LEU D 46 31.82 -14.66 -4.75
C LEU D 46 31.74 -15.84 -5.72
N THR D 47 32.88 -16.45 -6.05
CA THR D 47 32.86 -17.55 -7.01
C THR D 47 32.12 -18.75 -6.47
N GLN D 48 31.96 -18.85 -5.15
CA GLN D 48 31.31 -19.99 -4.52
C GLN D 48 29.79 -19.87 -4.47
N VAL D 49 29.25 -18.68 -4.75
CA VAL D 49 27.83 -18.44 -4.57
C VAL D 49 27.02 -19.25 -5.56
N ARG D 50 25.97 -19.91 -5.07
CA ARG D 50 24.99 -20.61 -5.88
C ARG D 50 23.60 -20.07 -5.54
N ALA D 51 22.67 -20.30 -6.47
CA ALA D 51 21.31 -19.79 -6.27
C ALA D 51 20.70 -20.33 -4.99
N GLU D 52 20.93 -21.61 -4.68
CA GLU D 52 20.34 -22.19 -3.47
C GLU D 52 20.87 -21.52 -2.21
N ASP D 53 22.10 -20.98 -2.25
CA ASP D 53 22.62 -20.24 -1.12
C ASP D 53 21.83 -18.96 -0.85
N LEU D 54 21.10 -18.47 -1.84
CA LEU D 54 20.28 -17.27 -1.70
C LEU D 54 18.80 -17.58 -1.70
N ASN D 55 18.42 -18.85 -1.66
CA ASN D 55 17.03 -19.28 -1.70
C ASN D 55 16.33 -18.74 -2.94
N ILE D 56 16.99 -18.84 -4.09
CA ILE D 56 16.44 -18.40 -5.37
C ILE D 56 16.37 -19.62 -6.26
N ALA D 57 15.16 -20.05 -6.59
CA ALA D 57 14.99 -21.19 -7.50
C ALA D 57 15.21 -20.73 -8.93
N PRO D 58 16.00 -21.46 -9.73
CA PRO D 58 16.12 -21.10 -11.15
C PRO D 58 14.76 -20.96 -11.81
N ARG D 59 14.59 -19.85 -12.54
CA ARG D 59 13.33 -19.52 -13.19
C ARG D 59 13.38 -19.95 -14.65
N LYS D 60 12.26 -20.46 -15.14
CA LYS D 60 12.17 -20.99 -16.50
C LYS D 60 11.32 -20.07 -17.36
N ALA D 61 11.48 -20.21 -18.67
CA ALA D 61 10.84 -19.33 -19.64
C ALA D 61 9.33 -19.26 -19.42
N LEU D 62 8.89 -18.28 -18.63
CA LEU D 62 7.47 -18.07 -18.43
C LEU D 62 6.77 -17.85 -19.77
N PRO D 63 5.43 -17.94 -19.80
CA PRO D 63 4.71 -17.74 -21.06
C PRO D 63 5.18 -16.55 -21.88
N GLN D 64 5.42 -16.77 -23.17
CA GLN D 64 5.84 -15.74 -24.10
C GLN D 64 4.75 -15.50 -25.15
N PRO D 65 4.61 -14.26 -25.65
CA PRO D 65 5.40 -13.07 -25.27
C PRO D 65 4.97 -12.50 -23.91
N LEU D 66 5.94 -12.03 -23.15
CA LEU D 66 5.65 -11.45 -21.84
C LEU D 66 4.88 -10.15 -22.04
N PRO D 67 3.72 -9.98 -21.35
CA PRO D 67 2.99 -8.70 -21.45
C PRO D 67 3.89 -7.47 -21.39
N ARG D 68 3.44 -6.38 -22.02
CA ARG D 68 4.20 -5.13 -21.96
C ARG D 68 4.28 -4.62 -20.52
N ASN D 69 3.19 -4.74 -19.77
CA ASN D 69 3.12 -4.09 -18.46
C ASN D 69 4.20 -4.61 -17.50
N LEU D 70 4.57 -5.88 -17.59
CA LEU D 70 5.46 -6.45 -16.58
C LEU D 70 6.93 -6.10 -16.84
N PRO D 71 7.72 -6.00 -15.78
CA PRO D 71 9.14 -5.59 -15.94
C PRO D 71 9.96 -6.64 -16.65
N PRO D 72 10.78 -6.25 -17.63
CA PRO D 72 11.69 -7.24 -18.24
C PRO D 72 12.77 -7.73 -17.29
N VAL D 73 13.19 -6.92 -16.33
CA VAL D 73 14.23 -7.27 -15.38
C VAL D 73 13.79 -6.83 -13.99
N THR D 74 14.13 -7.63 -12.98
CA THR D 74 13.79 -7.34 -11.59
C THR D 74 15.06 -7.37 -10.76
N TYR D 75 14.98 -6.77 -9.56
CA TYR D 75 16.13 -6.64 -8.69
C TYR D 75 15.76 -7.01 -7.27
N MET D 76 16.57 -7.86 -6.65
CA MET D 76 16.45 -8.18 -5.24
C MET D 76 17.54 -7.44 -4.48
N HIS D 77 17.15 -6.51 -3.62
CA HIS D 77 18.13 -5.82 -2.80
C HIS D 77 18.57 -6.72 -1.64
N ILE D 78 19.88 -6.86 -1.45
CA ILE D 78 20.45 -7.62 -0.34
C ILE D 78 21.07 -6.68 0.70
N TYR D 79 21.91 -5.76 0.26
CA TYR D 79 22.63 -4.91 1.21
C TYR D 79 23.22 -3.74 0.46
N GLU D 80 23.14 -2.58 1.06
CA GLU D 80 23.78 -1.40 0.49
C GLU D 80 24.29 -0.52 1.62
N THR D 81 25.52 0.00 1.45
CA THR D 81 26.10 0.99 2.33
C THR D 81 26.58 2.15 1.48
N GLU D 82 27.20 3.15 2.10
CA GLU D 82 27.83 4.22 1.33
C GLU D 82 29.04 3.73 0.55
N GLY D 83 29.55 2.54 0.86
CA GLY D 83 30.71 2.05 0.13
C GLY D 83 30.44 1.04 -0.97
N PHE D 84 29.34 0.29 -0.87
CA PHE D 84 29.05 -0.70 -1.90
C PHE D 84 27.56 -1.05 -1.89
N SER D 85 27.12 -1.68 -2.97
CA SER D 85 25.78 -2.23 -3.06
C SER D 85 25.86 -3.70 -3.45
N LEU D 86 24.89 -4.48 -2.99
CA LEU D 86 24.87 -5.93 -3.17
C LEU D 86 23.45 -6.37 -3.42
N GLY D 87 23.21 -7.02 -4.56
CA GLY D 87 21.88 -7.45 -4.89
C GLY D 87 21.87 -8.37 -6.10
N VAL D 88 20.69 -8.88 -6.41
CA VAL D 88 20.51 -9.82 -7.51
C VAL D 88 19.64 -9.18 -8.58
N PHE D 89 20.06 -9.31 -9.83
CA PHE D 89 19.28 -8.93 -11.00
C PHE D 89 18.79 -10.23 -11.64
N LEU D 90 17.51 -10.28 -11.94
CA LEU D 90 16.89 -11.47 -12.52
C LEU D 90 16.35 -11.09 -13.89
N LEU D 91 17.00 -11.57 -14.93
CA LEU D 91 16.62 -11.26 -16.30
C LEU D 91 15.66 -12.31 -16.81
N LYS D 92 14.59 -11.86 -17.48
CA LYS D 92 13.67 -12.79 -18.09
C LYS D 92 14.22 -13.24 -19.43
N SER D 93 13.52 -14.16 -20.07
CA SER D 93 13.94 -14.65 -21.37
C SER D 93 13.92 -13.52 -22.39
N GLY D 94 14.96 -13.48 -23.23
CA GLY D 94 15.05 -12.51 -24.29
C GLY D 94 15.35 -11.09 -23.86
N THR D 95 15.54 -10.85 -22.56
CA THR D 95 15.78 -9.50 -22.07
C THR D 95 17.27 -9.25 -21.94
N CYS D 96 17.61 -8.00 -21.64
CA CYS D 96 19.00 -7.65 -21.41
C CYS D 96 19.09 -6.36 -20.61
N ILE D 97 20.22 -6.19 -19.94
CA ILE D 97 20.60 -4.91 -19.36
C ILE D 97 21.44 -4.18 -20.42
N PRO D 98 20.93 -3.10 -21.02
CA PRO D 98 21.66 -2.46 -22.11
C PRO D 98 23.03 -1.96 -21.66
N LEU D 99 23.93 -1.85 -22.64
CA LEU D 99 25.29 -1.33 -22.43
C LEU D 99 25.26 -0.05 -21.61
N HIS D 100 26.18 0.03 -20.65
CA HIS D 100 26.18 1.10 -19.66
C HIS D 100 27.52 1.10 -18.93
N ASP D 101 27.80 2.21 -18.27
CA ASP D 101 29.07 2.39 -17.59
C ASP D 101 28.93 2.27 -16.07
N HIS D 102 30.08 2.38 -15.40
CA HIS D 102 30.17 2.40 -13.93
C HIS D 102 31.20 3.43 -13.51
N PRO D 103 30.90 4.71 -13.67
CA PRO D 103 31.94 5.75 -13.55
C PRO D 103 32.59 5.71 -12.18
N GLY D 104 33.90 5.49 -12.18
CA GLY D 104 34.67 5.50 -10.96
C GLY D 104 34.40 4.32 -10.05
N MET D 105 33.85 3.24 -10.59
CA MET D 105 33.40 2.14 -9.75
C MET D 105 34.10 0.84 -10.09
N HIS D 106 34.25 -0.01 -9.07
CA HIS D 106 34.60 -1.42 -9.23
C HIS D 106 33.31 -2.25 -9.28
N GLY D 107 33.40 -3.39 -9.94
CA GLY D 107 32.25 -4.24 -10.08
C GLY D 107 32.62 -5.70 -10.22
N MET D 108 31.81 -6.59 -9.67
CA MET D 108 32.01 -8.00 -9.90
C MET D 108 30.64 -8.65 -9.80
N LEU D 109 30.34 -9.58 -10.71
CA LEU D 109 29.08 -10.31 -10.72
C LEU D 109 29.34 -11.80 -10.90
N LYS D 110 28.40 -12.60 -10.39
CA LYS D 110 28.49 -14.05 -10.41
C LYS D 110 27.14 -14.57 -10.88
N VAL D 111 27.13 -15.32 -11.97
CA VAL D 111 25.90 -15.88 -12.49
C VAL D 111 25.37 -16.95 -11.54
N LEU D 112 24.06 -16.92 -11.29
CA LEU D 112 23.41 -17.89 -10.42
C LEU D 112 22.70 -19.00 -11.19
N TYR D 113 22.02 -18.67 -12.28
CA TYR D 113 21.37 -19.66 -13.13
C TYR D 113 21.21 -19.08 -14.53
N GLY D 114 21.06 -19.97 -15.50
CA GLY D 114 20.93 -19.54 -16.88
C GLY D 114 22.28 -19.23 -17.49
N THR D 115 22.23 -18.48 -18.58
CA THR D 115 23.44 -18.06 -19.28
C THR D 115 23.27 -16.62 -19.76
N VAL D 116 24.30 -15.82 -19.54
CA VAL D 116 24.33 -14.43 -19.97
C VAL D 116 25.51 -14.21 -20.89
N ARG D 117 25.31 -13.40 -21.92
CA ARG D 117 26.38 -12.91 -22.78
C ARG D 117 26.78 -11.52 -22.28
N ILE D 118 28.04 -11.37 -21.92
CA ILE D 118 28.54 -10.14 -21.33
C ILE D 118 29.57 -9.55 -22.29
N SER D 119 29.28 -8.36 -22.80
CA SER D 119 30.18 -7.61 -23.67
C SER D 119 30.84 -6.52 -22.84
N CYS D 120 32.18 -6.50 -22.84
CA CYS D 120 32.96 -5.59 -22.01
C CYS D 120 33.70 -4.63 -22.92
N MET D 121 33.60 -3.33 -22.64
CA MET D 121 34.32 -2.37 -23.43
C MET D 121 34.71 -1.17 -22.60
N ASP D 122 35.46 -0.28 -23.23
CA ASP D 122 35.85 0.99 -22.65
C ASP D 122 35.76 2.09 -23.70
N LYS D 123 35.37 3.28 -23.28
CA LYS D 123 35.47 4.45 -24.13
C LYS D 123 36.93 4.87 -24.22
N LEU D 124 37.36 5.29 -25.41
CA LEU D 124 38.68 5.92 -25.55
C LEU D 124 38.60 7.37 -25.09
N ASP D 125 39.73 7.93 -24.65
CA ASP D 125 39.80 9.35 -24.31
C ASP D 125 39.78 10.18 -25.59
N THR D 126 38.74 10.99 -25.77
CA THR D 126 38.62 11.81 -26.97
C THR D 126 38.42 13.30 -26.67
N GLY D 127 38.81 13.75 -25.48
CA GLY D 127 38.61 15.13 -25.06
C GLY D 127 39.45 16.15 -25.82
N ALA D 128 40.48 15.70 -26.55
CA ALA D 128 41.23 16.59 -27.43
C ALA D 128 40.50 16.87 -28.75
N GLY D 129 39.44 16.13 -29.05
CA GLY D 129 38.53 16.47 -30.14
C GLY D 129 38.82 15.71 -31.42
N HIS D 130 37.91 15.90 -32.37
CA HIS D 130 38.08 15.50 -33.77
C HIS D 130 38.08 13.99 -33.95
N ARG D 131 37.29 13.24 -33.18
CA ARG D 131 37.32 11.79 -33.25
C ARG D 131 35.99 11.19 -33.73
N ARG D 132 35.15 11.98 -34.41
CA ARG D 132 34.03 11.39 -35.12
C ARG D 132 34.52 10.36 -36.14
N PRO D 133 33.64 9.48 -36.59
CA PRO D 133 34.03 8.52 -37.64
C PRO D 133 34.33 9.24 -38.94
N PRO D 134 35.07 8.61 -39.85
CA PRO D 134 35.20 9.19 -41.20
C PRO D 134 33.83 9.50 -41.75
N PRO D 135 33.61 10.72 -42.29
CA PRO D 135 32.29 11.04 -42.85
C PRO D 135 31.82 10.07 -43.92
N GLU D 136 32.74 9.43 -44.64
CA GLU D 136 32.36 8.52 -45.72
C GLU D 136 32.20 7.08 -45.26
N GLN D 137 32.54 6.76 -44.03
CA GLN D 137 32.23 5.46 -43.47
C GLN D 137 30.72 5.35 -43.20
N GLN D 138 30.06 4.39 -43.84
CA GLN D 138 28.64 4.14 -43.62
C GLN D 138 28.42 3.09 -42.54
N PHE D 139 27.25 3.14 -41.91
CA PHE D 139 26.89 2.25 -40.83
C PHE D 139 25.62 1.49 -41.19
N GLU D 140 25.35 0.43 -40.46
CA GLU D 140 24.14 -0.38 -40.62
C GLU D 140 23.45 -0.54 -39.27
N PRO D 141 22.26 0.06 -39.06
CA PRO D 141 21.59 0.99 -39.99
C PRO D 141 22.34 2.32 -40.15
N PRO D 142 22.15 3.00 -41.28
CA PRO D 142 22.83 4.29 -41.48
C PRO D 142 22.54 5.26 -40.35
N LEU D 143 23.55 6.07 -40.01
CA LEU D 143 23.44 6.99 -38.89
C LEU D 143 22.74 8.29 -39.29
N GLN D 144 21.94 8.81 -38.36
CA GLN D 144 21.33 10.12 -38.54
C GLN D 144 22.32 11.22 -38.16
N PRO D 145 22.08 12.45 -38.63
CA PRO D 145 23.10 13.51 -38.44
C PRO D 145 23.48 13.70 -36.98
N LEU D 146 22.51 13.84 -36.08
CA LEU D 146 22.84 14.04 -34.68
C LEU D 146 23.48 12.80 -34.06
N GLU D 147 23.08 11.61 -34.50
CA GLU D 147 23.75 10.40 -34.04
C GLU D 147 25.22 10.39 -34.45
N ARG D 148 25.49 10.78 -35.70
CA ARG D 148 26.86 10.82 -36.17
C ARG D 148 27.69 11.86 -35.42
N GLU D 149 27.08 13.00 -35.05
CA GLU D 149 27.81 14.01 -34.32
C GLU D 149 28.33 13.50 -32.98
N ALA D 150 27.61 12.56 -32.35
CA ALA D 150 27.90 12.16 -30.98
C ALA D 150 28.67 10.85 -30.88
N VAL D 151 28.82 10.12 -31.99
CA VAL D 151 29.49 8.83 -31.96
C VAL D 151 30.97 9.03 -31.70
N ARG D 152 31.55 8.18 -30.86
CA ARG D 152 32.95 8.30 -30.50
C ARG D 152 33.56 6.92 -30.41
N PRO D 153 34.88 6.80 -30.55
CA PRO D 153 35.49 5.46 -30.60
C PRO D 153 35.66 4.85 -29.22
N GLY D 154 35.55 3.53 -29.18
CA GLY D 154 35.83 2.79 -27.97
C GLY D 154 36.59 1.52 -28.31
N VAL D 155 36.80 0.69 -27.31
CA VAL D 155 37.50 -0.57 -27.52
C VAL D 155 36.64 -1.70 -26.95
N LEU D 156 36.39 -2.72 -27.77
CA LEU D 156 35.71 -3.91 -27.31
C LEU D 156 36.77 -4.87 -26.83
N ARG D 157 36.67 -5.29 -25.56
CA ARG D 157 37.69 -6.15 -24.96
C ARG D 157 37.25 -7.60 -24.86
N SER D 158 35.96 -7.86 -24.66
CA SER D 158 35.50 -9.24 -24.62
C SER D 158 34.00 -9.31 -24.87
N ARG D 159 33.56 -10.44 -25.40
CA ARG D 159 32.13 -10.68 -25.58
C ARG D 159 31.95 -12.19 -25.44
N ALA D 160 31.58 -12.63 -24.24
CA ALA D 160 31.58 -14.04 -23.90
C ALA D 160 30.31 -14.40 -23.14
N GLU D 161 30.06 -15.70 -23.04
CA GLU D 161 28.94 -16.24 -22.27
C GLU D 161 29.44 -16.79 -20.93
N TYR D 162 28.66 -16.58 -19.87
CA TYR D 162 29.02 -16.98 -18.52
C TYR D 162 27.90 -17.82 -17.94
N THR D 163 28.28 -18.81 -17.12
CA THR D 163 27.29 -19.65 -16.43
C THR D 163 27.57 -19.66 -14.94
N GLU D 164 26.86 -20.52 -14.21
CA GLU D 164 27.07 -20.66 -12.77
C GLU D 164 28.48 -21.10 -12.44
N ALA D 165 29.14 -21.81 -13.37
CA ALA D 165 30.49 -22.30 -13.13
C ALA D 165 31.57 -21.27 -13.46
N SER D 166 31.23 -20.26 -14.26
CA SER D 166 32.23 -19.25 -14.63
C SER D 166 32.68 -18.48 -13.41
N GLY D 167 33.91 -17.99 -13.45
CA GLY D 167 34.40 -17.12 -12.40
C GLY D 167 33.72 -15.77 -12.49
N PRO D 168 33.82 -14.99 -11.43
CA PRO D 168 33.15 -13.68 -11.43
C PRO D 168 33.68 -12.82 -12.57
N CYS D 169 32.76 -12.12 -13.25
CA CYS D 169 33.09 -11.14 -14.28
C CYS D 169 33.24 -9.80 -13.59
N VAL D 170 34.45 -9.22 -13.66
CA VAL D 170 34.81 -8.04 -12.89
C VAL D 170 35.15 -6.88 -13.80
N LEU D 171 35.03 -5.68 -13.24
CA LEU D 171 35.35 -4.45 -13.94
C LEU D 171 35.95 -3.47 -12.94
N THR D 172 36.78 -2.57 -13.45
CA THR D 172 37.38 -1.52 -12.63
C THR D 172 37.00 -0.15 -13.18
N PRO D 173 37.35 0.92 -12.48
CA PRO D 173 37.06 2.25 -13.04
C PRO D 173 37.71 2.51 -14.39
N HIS D 174 38.78 1.79 -14.73
CA HIS D 174 39.56 2.10 -15.91
C HIS D 174 39.55 1.02 -16.97
N ARG D 175 38.95 -0.15 -16.72
CA ARG D 175 39.02 -1.24 -17.68
C ARG D 175 37.75 -2.07 -17.58
N ASP D 176 37.19 -2.41 -18.74
CA ASP D 176 35.91 -3.10 -18.83
C ASP D 176 34.80 -2.34 -18.13
N ASN D 177 34.86 -1.02 -18.18
CA ASN D 177 33.95 -0.21 -17.37
C ASN D 177 32.56 -0.12 -18.00
N LEU D 178 32.43 -0.40 -19.28
CA LEU D 178 31.12 -0.50 -19.90
C LEU D 178 30.80 -1.96 -20.18
N HIS D 179 29.57 -2.39 -19.91
CA HIS D 179 29.17 -3.69 -20.39
C HIS D 179 27.67 -3.75 -20.59
N GLN D 180 27.28 -4.74 -21.41
CA GLN D 180 25.91 -5.11 -21.69
C GLN D 180 25.75 -6.58 -21.33
N ILE D 181 24.59 -6.93 -20.76
CA ILE D 181 24.32 -8.27 -20.26
C ILE D 181 23.03 -8.79 -20.90
N ASP D 182 23.16 -9.85 -21.71
CA ASP D 182 22.06 -10.39 -22.48
C ASP D 182 21.71 -11.78 -21.95
N ALA D 183 20.43 -12.01 -21.72
CA ALA D 183 19.96 -13.34 -21.38
C ALA D 183 20.11 -14.24 -22.59
N VAL D 184 20.60 -15.46 -22.37
CA VAL D 184 20.86 -16.42 -23.43
C VAL D 184 20.02 -17.67 -23.20
N ASP D 185 19.12 -17.94 -24.14
CA ASP D 185 18.28 -19.14 -24.14
C ASP D 185 17.61 -19.36 -22.78
N GLY D 186 16.76 -18.39 -22.42
CA GLY D 186 15.97 -18.50 -21.23
C GLY D 186 16.36 -17.49 -20.16
N PRO D 187 15.67 -17.55 -19.01
CA PRO D 187 15.94 -16.58 -17.95
C PRO D 187 17.33 -16.76 -17.36
N ALA D 188 17.84 -15.69 -16.76
CA ALA D 188 19.13 -15.73 -16.10
C ALA D 188 19.09 -14.77 -14.92
N ALA D 189 20.01 -14.99 -13.97
CA ALA D 189 20.14 -14.13 -12.80
C ALA D 189 21.59 -14.11 -12.33
N PHE D 190 21.99 -12.96 -11.77
CA PHE D 190 23.35 -12.85 -11.26
C PHE D 190 23.36 -11.98 -10.01
N LEU D 191 24.36 -12.24 -9.17
CA LEU D 191 24.65 -11.42 -8.00
C LEU D 191 25.64 -10.34 -8.41
N ASP D 192 25.32 -9.09 -8.09
CA ASP D 192 26.13 -7.96 -8.50
C ASP D 192 26.61 -7.21 -7.26
N ILE D 193 27.89 -6.84 -7.28
CA ILE D 193 28.52 -5.98 -6.27
C ILE D 193 29.05 -4.75 -7.00
N LEU D 194 28.67 -3.57 -6.54
CA LEU D 194 29.18 -2.33 -7.10
C LEU D 194 29.75 -1.48 -5.98
N ALA D 195 30.92 -0.88 -6.20
CA ALA D 195 31.54 -0.02 -5.19
C ALA D 195 32.34 1.12 -5.83
N PRO D 196 32.02 2.38 -5.52
CA PRO D 196 30.86 2.83 -4.74
C PRO D 196 29.56 2.60 -5.51
N PRO D 197 28.42 2.63 -4.82
CA PRO D 197 27.14 2.47 -5.53
C PRO D 197 26.88 3.69 -6.38
N TYR D 198 26.08 3.51 -7.43
CA TYR D 198 25.59 4.63 -8.23
C TYR D 198 24.99 5.68 -7.32
N ASP D 199 25.07 6.94 -7.74
CA ASP D 199 24.47 8.04 -6.98
C ASP D 199 24.24 9.24 -7.90
N PRO D 200 23.08 9.31 -8.56
CA PRO D 200 22.82 10.48 -9.44
C PRO D 200 22.81 11.78 -8.69
N GLU D 201 22.60 11.76 -7.37
CA GLU D 201 22.66 12.98 -6.58
C GLU D 201 24.09 13.53 -6.52
N ASP D 202 25.06 12.64 -6.30
CA ASP D 202 26.47 13.03 -6.15
C ASP D 202 27.24 12.90 -7.45
N GLY D 203 26.55 12.90 -8.59
CA GLY D 203 27.19 12.96 -9.89
C GLY D 203 27.64 11.63 -10.46
N ARG D 204 27.46 10.53 -9.74
CA ARG D 204 27.91 9.22 -10.19
C ARG D 204 26.73 8.48 -10.84
N ASP D 205 26.34 8.97 -12.00
CA ASP D 205 25.14 8.50 -12.67
C ASP D 205 25.50 7.41 -13.68
N CYS D 206 24.49 6.63 -14.04
CA CYS D 206 24.66 5.52 -14.96
C CYS D 206 24.16 5.94 -16.35
N HIS D 207 25.09 6.03 -17.29
CA HIS D 207 24.77 6.35 -18.67
C HIS D 207 24.66 5.05 -19.50
N TYR D 208 23.77 5.09 -20.49
CA TYR D 208 23.57 3.98 -21.41
C TYR D 208 24.17 4.31 -22.75
N TYR D 209 24.57 3.28 -23.48
CA TYR D 209 25.26 3.42 -24.75
C TYR D 209 24.71 2.38 -25.72
N ARG D 210 24.96 2.61 -26.99
CA ARG D 210 24.70 1.60 -28.01
C ARG D 210 25.88 1.57 -28.96
N VAL D 211 26.22 0.38 -29.40
CA VAL D 211 27.23 0.20 -30.45
C VAL D 211 26.56 0.35 -31.80
N VAL D 212 27.16 1.17 -32.67
CA VAL D 212 26.73 1.31 -34.06
C VAL D 212 27.75 0.62 -34.92
N GLU D 213 27.27 -0.25 -35.84
CA GLU D 213 28.15 -1.15 -36.57
C GLU D 213 28.44 -0.59 -37.95
N PRO D 214 29.70 -0.49 -38.36
CA PRO D 214 29.98 -0.12 -39.75
C PRO D 214 29.57 -1.24 -40.70
N ILE D 215 29.23 -0.86 -41.93
CA ILE D 215 29.06 -1.85 -42.98
C ILE D 215 30.41 -2.49 -43.27
N ARG D 216 30.44 -3.81 -43.40
CA ARG D 216 31.72 -4.49 -43.61
C ARG D 216 31.85 -4.91 -45.06
N PRO D 217 33.10 -4.94 -45.59
CA PRO D 217 33.28 -5.16 -47.03
C PRO D 217 33.01 -6.58 -47.46
N LYS D 218 33.16 -6.85 -48.76
CA LYS D 218 32.93 -8.20 -49.27
C LYS D 218 33.95 -9.18 -48.73
N GLU D 219 35.24 -8.88 -48.91
CA GLU D 219 36.29 -9.79 -48.48
C GLU D 219 36.23 -9.98 -46.97
N ALA D 220 36.22 -11.24 -46.53
CA ALA D 220 36.05 -11.54 -45.11
C ALA D 220 37.22 -11.02 -44.27
N SER D 221 38.41 -10.96 -44.87
CA SER D 221 39.60 -10.46 -44.19
C SER D 221 39.69 -8.94 -44.19
N GLY D 222 38.64 -8.22 -44.63
CA GLY D 222 38.67 -6.79 -44.80
C GLY D 222 38.27 -5.96 -43.60
N SER D 223 37.93 -6.60 -42.48
CA SER D 223 37.57 -5.87 -41.28
C SER D 223 38.14 -6.60 -40.07
N ALA D 224 38.09 -5.94 -38.92
CA ALA D 224 38.64 -6.48 -37.69
C ALA D 224 37.73 -7.58 -37.14
N CYS D 225 38.30 -8.76 -36.90
CA CYS D 225 37.59 -9.87 -36.29
C CYS D 225 38.29 -10.40 -35.04
N ASP D 226 39.35 -9.71 -34.58
CA ASP D 226 40.11 -10.08 -33.38
C ASP D 226 39.75 -9.13 -32.25
N LEU D 227 40.10 -9.51 -31.04
CA LEU D 227 39.89 -8.67 -29.88
C LEU D 227 41.22 -8.42 -29.17
N PRO D 228 41.44 -7.21 -28.62
CA PRO D 228 40.50 -6.07 -28.63
C PRO D 228 40.38 -5.42 -30.00
N ARG D 229 39.23 -4.77 -30.24
CA ARG D 229 39.02 -4.10 -31.51
C ARG D 229 38.22 -2.82 -31.32
N GLU D 230 38.38 -1.90 -32.25
CA GLU D 230 37.64 -0.64 -32.19
C GLU D 230 36.14 -0.83 -32.41
N VAL D 231 35.36 -0.13 -31.61
CA VAL D 231 33.91 -0.02 -31.80
C VAL D 231 33.57 1.46 -31.76
N TRP D 232 32.37 1.77 -32.24
CA TRP D 232 31.82 3.13 -32.25
C TRP D 232 30.64 3.14 -31.29
N LEU D 233 30.69 4.04 -30.31
CA LEU D 233 29.76 4.06 -29.20
C LEU D 233 29.02 5.38 -29.21
N LEU D 234 27.72 5.32 -28.94
CA LEU D 234 26.85 6.49 -28.89
C LEU D 234 26.14 6.49 -27.54
N GLU D 235 26.28 7.58 -26.79
CA GLU D 235 25.46 7.75 -25.59
C GLU D 235 23.98 7.90 -25.97
N THR D 236 23.12 7.19 -25.24
CA THR D 236 21.71 7.10 -25.59
C THR D 236 20.90 6.91 -24.32
N PRO D 237 19.64 7.33 -24.30
CA PRO D 237 18.76 6.95 -23.19
C PRO D 237 18.47 5.45 -23.22
N GLN D 238 18.16 4.89 -22.05
CA GLN D 238 17.93 3.45 -21.98
C GLN D 238 16.80 3.07 -22.93
N ALA D 239 16.90 1.87 -23.49
CA ALA D 239 15.94 1.43 -24.49
C ALA D 239 14.53 1.46 -23.92
N ASP D 240 13.55 1.74 -24.80
CA ASP D 240 12.16 1.80 -24.37
C ASP D 240 11.68 0.46 -23.83
N ASP D 241 12.32 -0.64 -24.21
CA ASP D 241 11.89 -1.97 -23.80
C ASP D 241 12.68 -2.48 -22.60
N PHE D 242 13.50 -1.65 -21.97
CA PHE D 242 14.20 -2.03 -20.76
C PHE D 242 13.81 -1.15 -19.58
N TRP D 243 13.53 -1.79 -18.45
CA TRP D 243 13.35 -1.11 -17.16
C TRP D 243 13.39 -2.18 -16.08
N CYS D 244 13.73 -1.77 -14.87
CA CYS D 244 13.94 -2.70 -13.78
C CYS D 244 13.12 -2.25 -12.59
N GLU D 245 12.53 -3.23 -11.90
CA GLU D 245 11.70 -3.01 -10.72
C GLU D 245 12.11 -4.00 -9.63
N GLY D 246 11.95 -3.60 -8.40
CA GLY D 246 12.37 -4.45 -7.31
C GLY D 246 11.38 -5.55 -7.02
N GLU D 247 11.89 -6.62 -6.41
CA GLU D 247 11.05 -7.70 -5.89
C GLU D 247 11.69 -8.22 -4.61
N PRO D 248 10.88 -8.83 -3.73
CA PRO D 248 11.40 -9.21 -2.40
C PRO D 248 12.57 -10.18 -2.51
N TYR D 249 13.54 -10.01 -1.62
CA TYR D 249 14.71 -10.88 -1.56
C TYR D 249 14.43 -12.02 -0.59
N PRO D 250 14.41 -13.27 -1.05
CA PRO D 250 14.03 -14.39 -0.18
C PRO D 250 15.18 -15.11 0.51
N GLY D 251 16.39 -14.58 0.44
CA GLY D 251 17.55 -15.28 0.94
C GLY D 251 17.94 -14.88 2.35
N PRO D 252 19.07 -15.41 2.82
CA PRO D 252 19.54 -15.06 4.17
C PRO D 252 19.74 -13.56 4.30
N LYS D 253 19.20 -12.99 5.37
CA LYS D 253 19.33 -11.56 5.60
C LYS D 253 20.76 -11.21 6.02
N VAL D 254 21.25 -10.08 5.51
CA VAL D 254 22.60 -9.62 5.80
C VAL D 254 22.52 -8.50 6.84
N LEU D 255 23.25 -8.68 7.94
CA LEU D 255 23.33 -7.70 9.00
C LEU D 255 24.68 -7.01 8.97
N PRO D 256 24.77 -5.76 9.43
CA PRO D 256 26.07 -5.06 9.42
C PRO D 256 27.18 -5.86 10.11
FE FE2 E . 12.01 16.45 9.28
CL CL F . -1.14 32.24 10.44
MG MG G . -2.43 21.94 27.79
FE FE2 H . -26.81 11.33 1.02
CL CL I . -25.26 29.72 9.70
MG MG J . -22.04 32.07 -9.89
FE FE2 K . -14.48 -22.10 6.62
CL CL L . 4.60 -16.04 3.06
FE FE2 M . 26.55 -3.09 -14.73
CL CL N . 10.86 -15.62 -18.47
#